data_3BJK
#
_entry.id   3BJK
#
_cell.length_a   78.487
_cell.length_b   63.108
_cell.length_c   104.718
_cell.angle_alpha   90.000
_cell.angle_beta   100.140
_cell.angle_gamma   90.000
#
_symmetry.space_group_name_H-M   'P 1 21 1'
#
loop_
_entity.id
_entity.type
_entity.pdbx_description
1 polymer 'Acyl-CoA thioester hydrolase HI0827'
2 non-polymer 'CITRIC ACID'
3 non-polymer 1,2-ETHANEDIOL
4 water water
#
_entity_poly.entity_id   1
_entity_poly.type   'polypeptide(L)'
_entity_poly.pdbx_seq_one_letter_code
;SANFTDKNGRQSKGVLLLRTLAMPSDTNANGDIFGGWIMSQMAMGGAILAKEIAHGRVVTVAVESMNFIKPISVGDVVCC
YGQCLKVGRSSIKIKVEVWVKKVASEPIGERYCVTDAVFTFVAVDNNGRSRTIPRENNQELEKALALISEQPL
;
_entity_poly.pdbx_strand_id   A,B,C,D,E,F
#
# COMPACT_ATOMS: atom_id res chain seq x y z
N SER A 12 19.92 -19.88 12.05
CA SER A 12 19.34 -19.43 10.75
C SER A 12 19.67 -20.51 9.73
N LYS A 13 18.71 -21.38 9.44
CA LYS A 13 19.07 -22.60 8.71
C LYS A 13 18.56 -22.64 7.26
N GLY A 14 19.52 -22.95 6.39
CA GLY A 14 19.31 -22.99 4.97
C GLY A 14 19.87 -21.72 4.38
N VAL A 15 19.44 -21.44 3.16
CA VAL A 15 19.95 -20.33 2.42
C VAL A 15 19.03 -19.10 2.61
N LEU A 16 19.62 -17.92 2.58
CA LEU A 16 18.90 -16.65 2.67
C LEU A 16 18.08 -16.37 1.41
N LEU A 17 16.79 -16.23 1.62
CA LEU A 17 15.84 -16.02 0.56
C LEU A 17 15.47 -14.57 0.42
N LEU A 18 15.23 -13.92 1.57
CA LEU A 18 14.68 -12.58 1.61
C LEU A 18 15.19 -11.90 2.83
N ARG A 19 15.35 -10.58 2.72
CA ARG A 19 15.77 -9.74 3.86
C ARG A 19 15.15 -8.35 3.70
N THR A 20 14.49 -7.87 4.76
CA THR A 20 13.88 -6.56 4.75
C THR A 20 13.75 -6.03 6.18
N LEU A 21 13.22 -4.81 6.29
CA LEU A 21 12.96 -4.16 7.62
C LEU A 21 11.48 -4.15 7.85
N ALA A 22 11.09 -4.51 9.04
CA ALA A 22 9.69 -4.44 9.47
C ALA A 22 9.21 -3.02 9.72
N MET A 23 8.09 -2.63 9.08
CA MET A 23 7.65 -1.24 9.01
C MET A 23 6.29 -1.08 9.65
N PRO A 24 6.00 0.12 10.16
CA PRO A 24 4.72 0.49 10.80
C PRO A 24 3.48 0.18 9.96
N SER A 25 3.55 0.37 8.65
CA SER A 25 2.36 0.14 7.82
C SER A 25 1.92 -1.33 7.79
N ASP A 26 2.82 -2.24 8.17
CA ASP A 26 2.48 -3.67 8.23
C ASP A 26 2.17 -4.22 9.61
N THR A 27 1.78 -3.36 10.54
CA THR A 27 1.41 -3.77 11.89
C THR A 27 -0.09 -4.20 12.01
N ASN A 28 -0.37 -4.97 13.02
CA ASN A 28 -1.72 -5.30 13.41
C ASN A 28 -2.18 -4.42 14.59
N ALA A 29 -3.38 -4.66 15.09
CA ALA A 29 -3.97 -3.82 16.16
C ALA A 29 -3.13 -3.84 17.42
N ASN A 30 -2.43 -4.94 17.69
CA ASN A 30 -1.56 -5.00 18.86
C ASN A 30 -0.27 -4.23 18.70
N GLY A 31 0.04 -3.80 17.49
CA GLY A 31 1.27 -3.06 17.20
C GLY A 31 2.46 -3.93 16.72
N ASP A 32 2.26 -5.25 16.68
CA ASP A 32 3.25 -6.19 16.19
C ASP A 32 3.02 -6.31 14.70
N ILE A 33 3.91 -7.03 14.03
CA ILE A 33 3.77 -7.13 12.59
C ILE A 33 2.62 -8.13 12.27
N PHE A 34 1.74 -7.77 11.34
CA PHE A 34 0.56 -8.54 10.98
C PHE A 34 0.99 -9.91 10.40
N GLY A 35 0.33 -10.98 10.84
CA GLY A 35 0.64 -12.37 10.41
C GLY A 35 0.64 -12.56 8.90
N GLY A 36 -0.31 -11.88 8.24
CA GLY A 36 -0.44 -11.90 6.77
C GLY A 36 0.79 -11.45 6.00
N TRP A 37 1.46 -10.42 6.52
CA TRP A 37 2.67 -9.90 5.93
C TRP A 37 3.76 -11.00 6.02
N ILE A 38 3.87 -11.63 7.17
CA ILE A 38 4.91 -12.63 7.43
C ILE A 38 4.70 -13.83 6.48
N MET A 39 3.44 -14.28 6.37
CA MET A 39 3.06 -15.33 5.42
C MET A 39 3.41 -14.94 4.02
N SER A 40 3.16 -13.68 3.65
CA SER A 40 3.49 -13.21 2.32
C SER A 40 5.00 -13.21 2.06
N GLN A 41 5.79 -12.74 3.02
CA GLN A 41 7.26 -12.80 2.89
C GLN A 41 7.71 -14.23 2.67
N MET A 42 7.24 -15.16 3.50
CA MET A 42 7.56 -16.59 3.36
C MET A 42 7.22 -17.18 2.01
N ALA A 43 6.08 -16.83 1.45
CA ALA A 43 5.65 -17.40 0.21
C ALA A 43 6.52 -16.83 -0.93
N MET A 44 6.79 -15.52 -0.90
CA MET A 44 7.64 -14.89 -1.88
C MET A 44 9.09 -15.46 -1.87
N GLY A 45 9.64 -15.63 -0.66
CA GLY A 45 11.04 -16.14 -0.52
C GLY A 45 11.11 -17.59 -0.97
N GLY A 46 10.15 -18.39 -0.50
CA GLY A 46 10.04 -19.78 -0.84
C GLY A 46 9.92 -19.96 -2.34
N ALA A 47 9.08 -19.15 -2.99
CA ALA A 47 8.94 -19.20 -4.41
C ALA A 47 10.20 -18.81 -5.21
N ILE A 48 11.00 -17.85 -4.72
CA ILE A 48 12.26 -17.53 -5.38
C ILE A 48 13.19 -18.76 -5.47
N LEU A 49 13.32 -19.46 -4.36
CA LEU A 49 14.17 -20.66 -4.32
C LEU A 49 13.58 -21.77 -5.16
N ALA A 50 12.24 -21.92 -5.13
CA ALA A 50 11.64 -22.89 -6.01
C ALA A 50 11.91 -22.55 -7.48
N LYS A 51 11.79 -21.27 -7.87
CA LYS A 51 12.08 -20.87 -9.26
C LYS A 51 13.53 -21.11 -9.68
N GLU A 52 14.43 -20.85 -8.77
CA GLU A 52 15.86 -21.12 -8.94
C GLU A 52 16.15 -22.60 -9.21
N ILE A 53 15.62 -23.44 -8.32
CA ILE A 53 15.74 -24.88 -8.40
C ILE A 53 15.11 -25.36 -9.69
N ALA A 54 13.93 -24.82 -10.02
CA ALA A 54 13.18 -25.30 -11.23
C ALA A 54 13.70 -24.75 -12.54
N HIS A 55 14.62 -23.79 -12.50
CA HIS A 55 15.12 -23.08 -13.67
C HIS A 55 13.96 -22.43 -14.48
N GLY A 56 12.96 -21.89 -13.77
CA GLY A 56 11.91 -21.13 -14.44
C GLY A 56 10.66 -21.04 -13.62
N ARG A 57 9.52 -20.88 -14.30
CA ARG A 57 8.23 -20.69 -13.60
C ARG A 57 7.79 -21.86 -12.70
N VAL A 58 7.15 -21.48 -11.62
CA VAL A 58 6.51 -22.41 -10.71
C VAL A 58 5.13 -21.85 -10.31
N VAL A 59 4.32 -22.72 -9.71
CA VAL A 59 3.13 -22.26 -8.97
C VAL A 59 3.19 -22.74 -7.54
N THR A 60 2.54 -21.98 -6.67
CA THR A 60 2.48 -22.25 -5.22
C THR A 60 1.19 -23.03 -5.02
N VAL A 61 1.30 -24.24 -4.49
CA VAL A 61 0.16 -25.13 -4.42
C VAL A 61 -0.28 -25.49 -3.01
N ALA A 62 0.66 -25.51 -2.06
CA ALA A 62 0.28 -25.86 -0.69
C ALA A 62 1.21 -25.33 0.32
N VAL A 63 0.66 -25.24 1.54
CA VAL A 63 1.40 -24.96 2.75
C VAL A 63 0.99 -26.01 3.82
N GLU A 64 2.00 -26.42 4.61
CA GLU A 64 1.83 -27.34 5.75
C GLU A 64 2.67 -26.84 6.93
N SER A 65 2.13 -27.09 8.13
CA SER A 65 2.85 -26.95 9.39
C SER A 65 3.47 -25.56 9.57
N MET A 66 2.63 -24.56 9.36
CA MET A 66 3.02 -23.23 9.66
C MET A 66 2.83 -22.95 11.14
N ASN A 67 3.90 -22.42 11.74
CA ASN A 67 3.95 -22.18 13.15
C ASN A 67 4.29 -20.73 13.40
N PHE A 68 3.46 -20.03 14.18
CA PHE A 68 3.78 -18.66 14.60
C PHE A 68 4.34 -18.73 15.99
N ILE A 69 5.64 -18.50 16.07
CA ILE A 69 6.35 -18.75 17.35
C ILE A 69 6.42 -17.52 18.23
N LYS A 70 6.87 -16.42 17.62
CA LYS A 70 7.07 -15.11 18.32
C LYS A 70 6.63 -13.99 17.43
N PRO A 71 6.25 -12.85 18.02
CA PRO A 71 5.93 -11.68 17.25
C PRO A 71 7.16 -10.96 16.65
N ILE A 72 6.95 -10.35 15.50
CA ILE A 72 7.92 -9.43 14.95
C ILE A 72 7.53 -8.00 15.38
N SER A 73 8.57 -7.22 15.67
CA SER A 73 8.42 -5.83 16.07
C SER A 73 8.84 -4.88 14.94
N VAL A 74 8.18 -3.72 14.87
CA VAL A 74 8.60 -2.65 13.97
C VAL A 74 10.11 -2.32 14.16
N GLY A 75 10.83 -2.25 13.06
CA GLY A 75 12.27 -1.95 13.10
C GLY A 75 13.19 -3.17 13.15
N ASP A 76 12.64 -4.36 13.39
CA ASP A 76 13.39 -5.62 13.31
C ASP A 76 13.86 -5.85 11.90
N VAL A 77 15.05 -6.40 11.74
CA VAL A 77 15.46 -6.91 10.42
C VAL A 77 14.81 -8.27 10.30
N VAL A 78 14.10 -8.52 9.19
CA VAL A 78 13.40 -9.75 8.93
C VAL A 78 14.06 -10.48 7.78
N CYS A 79 14.45 -11.71 8.05
CA CYS A 79 15.11 -12.64 7.10
C CYS A 79 14.28 -13.90 6.91
N CYS A 80 14.13 -14.39 5.66
CA CYS A 80 13.53 -15.69 5.42
C CYS A 80 14.67 -16.57 4.86
N TYR A 81 14.80 -17.77 5.44
CA TYR A 81 15.75 -18.81 5.08
C TYR A 81 14.99 -20.02 4.55
N GLY A 82 15.57 -20.70 3.57
CA GLY A 82 14.94 -21.83 2.93
C GLY A 82 15.79 -23.07 2.98
N GLN A 83 15.17 -24.17 3.39
CA GLN A 83 15.76 -25.51 3.45
C GLN A 83 14.88 -26.35 2.52
N CYS A 84 15.42 -26.80 1.40
CA CYS A 84 14.65 -27.68 0.55
C CYS A 84 14.56 -29.08 1.26
N LEU A 85 13.36 -29.70 1.24
CA LEU A 85 13.12 -30.99 1.87
C LEU A 85 12.92 -32.14 0.89
N LYS A 86 12.58 -31.82 -0.36
CA LYS A 86 12.15 -32.83 -1.31
C LYS A 86 12.07 -32.18 -2.67
N VAL A 87 12.54 -32.90 -3.67
CA VAL A 87 12.36 -32.50 -5.04
C VAL A 87 11.84 -33.71 -5.80
N GLY A 88 10.64 -33.57 -6.37
CA GLY A 88 10.00 -34.58 -7.16
C GLY A 88 10.31 -34.40 -8.63
N ARG A 89 9.47 -34.95 -9.50
CA ARG A 89 9.61 -34.65 -10.92
C ARG A 89 9.45 -33.13 -11.16
N SER A 90 8.32 -32.62 -10.68
CA SER A 90 7.98 -31.20 -10.78
C SER A 90 7.78 -30.50 -9.43
N SER A 91 7.64 -31.23 -8.35
CA SER A 91 7.30 -30.64 -7.06
C SER A 91 8.58 -30.37 -6.28
N ILE A 92 8.50 -29.32 -5.46
CA ILE A 92 9.55 -28.87 -4.58
C ILE A 92 8.91 -28.49 -3.25
N LYS A 93 9.41 -29.08 -2.17
CA LYS A 93 9.00 -28.70 -0.86
C LYS A 93 10.10 -27.97 -0.16
N ILE A 94 9.79 -26.79 0.37
CA ILE A 94 10.77 -25.93 1.01
C ILE A 94 10.28 -25.60 2.42
N LYS A 95 11.09 -25.89 3.44
CA LYS A 95 10.88 -25.32 4.78
C LYS A 95 11.38 -23.85 4.77
N VAL A 96 10.52 -22.92 5.15
CA VAL A 96 10.91 -21.54 5.28
C VAL A 96 10.86 -21.19 6.76
N GLU A 97 11.93 -20.54 7.23
CA GLU A 97 12.05 -20.05 8.63
C GLU A 97 12.23 -18.57 8.51
N VAL A 98 11.44 -17.83 9.28
CA VAL A 98 11.56 -16.41 9.41
C VAL A 98 12.36 -16.09 10.69
N TRP A 99 13.45 -15.33 10.52
CA TRP A 99 14.33 -14.85 11.59
C TRP A 99 14.32 -13.35 11.72
N VAL A 100 14.43 -12.89 12.95
CA VAL A 100 14.59 -11.49 13.29
C VAL A 100 15.99 -11.23 13.83
N LYS A 101 16.48 -10.02 13.54
CA LYS A 101 17.72 -9.50 14.06
C LYS A 101 17.43 -8.11 14.64
N LYS A 102 17.84 -7.90 15.89
CA LYS A 102 17.72 -6.61 16.51
C LYS A 102 18.97 -5.79 16.19
N VAL A 103 18.80 -4.74 15.40
CA VAL A 103 19.92 -3.85 15.08
C VAL A 103 19.81 -2.45 15.70
N ALA A 104 18.57 -2.02 15.96
CA ALA A 104 18.37 -0.73 16.55
C ALA A 104 17.33 -0.79 17.68
N SER A 105 17.15 -1.97 18.24
CA SER A 105 16.38 -2.16 19.48
C SER A 105 17.17 -3.09 20.37
N GLU A 106 16.95 -2.99 21.67
CA GLU A 106 17.71 -3.80 22.62
C GLU A 106 16.92 -5.12 22.72
N PRO A 107 17.63 -6.25 22.88
CA PRO A 107 19.08 -6.28 22.96
C PRO A 107 19.74 -6.43 21.59
N ILE A 108 20.79 -5.65 21.35
CA ILE A 108 21.32 -5.46 20.00
C ILE A 108 22.09 -6.70 19.52
N GLY A 109 21.88 -7.11 18.28
CA GLY A 109 22.58 -8.30 17.78
C GLY A 109 21.88 -9.61 18.13
N GLU A 110 20.86 -9.55 18.98
CA GLU A 110 19.97 -10.68 19.22
C GLU A 110 19.24 -11.12 17.95
N ARG A 111 19.31 -12.43 17.65
CA ARG A 111 18.57 -13.07 16.54
C ARG A 111 17.81 -14.31 16.99
N TYR A 112 16.62 -14.51 16.46
CA TYR A 112 15.85 -15.72 16.72
C TYR A 112 14.74 -15.99 15.69
N CYS A 113 14.24 -17.24 15.68
CA CYS A 113 13.29 -17.72 14.70
C CYS A 113 11.92 -17.36 15.22
N VAL A 114 11.10 -16.68 14.42
CA VAL A 114 9.79 -16.22 14.85
C VAL A 114 8.58 -17.01 14.16
N THR A 115 8.86 -17.62 13.02
CA THR A 115 7.83 -18.32 12.22
C THR A 115 8.49 -19.38 11.37
N ASP A 116 7.81 -20.50 11.16
CA ASP A 116 8.23 -21.40 10.11
C ASP A 116 7.05 -22.09 9.37
N ALA A 117 7.33 -22.72 8.25
CA ALA A 117 6.27 -23.40 7.45
C ALA A 117 6.93 -24.17 6.35
N VAL A 118 6.19 -25.14 5.79
CA VAL A 118 6.60 -25.91 4.64
C VAL A 118 5.69 -25.60 3.44
N PHE A 119 6.31 -25.08 2.39
CA PHE A 119 5.62 -24.71 1.15
C PHE A 119 5.89 -25.78 0.09
N THR A 120 4.89 -26.04 -0.77
CA THR A 120 5.03 -26.90 -1.93
C THR A 120 4.75 -26.07 -3.21
N PHE A 121 5.68 -26.15 -4.13
CA PHE A 121 5.58 -25.53 -5.44
C PHE A 121 5.69 -26.60 -6.52
N VAL A 122 5.22 -26.31 -7.72
CA VAL A 122 5.26 -27.20 -8.86
C VAL A 122 5.84 -26.36 -10.01
N ALA A 123 6.87 -26.89 -10.64
CA ALA A 123 7.48 -26.30 -11.80
C ALA A 123 6.49 -26.39 -12.97
N VAL A 124 6.24 -25.28 -13.66
CA VAL A 124 5.33 -25.28 -14.80
C VAL A 124 5.89 -24.65 -16.09
N ASP A 125 5.31 -25.04 -17.23
CA ASP A 125 5.65 -24.38 -18.52
C ASP A 125 4.81 -23.09 -18.73
N ASN A 126 4.99 -22.46 -19.89
CA ASN A 126 4.28 -21.21 -20.25
C ASN A 126 2.77 -21.35 -20.30
N ASN A 127 2.28 -22.56 -20.58
CA ASN A 127 0.85 -22.87 -20.56
C ASN A 127 0.40 -23.49 -19.25
N GLY A 128 1.19 -23.30 -18.19
CA GLY A 128 0.84 -23.75 -16.83
C GLY A 128 0.78 -25.25 -16.59
N ARG A 129 1.25 -26.06 -17.54
CA ARG A 129 1.40 -27.50 -17.31
C ARG A 129 2.69 -27.82 -16.55
N SER A 130 2.66 -28.88 -15.76
CA SER A 130 3.82 -29.27 -15.00
C SER A 130 4.93 -29.68 -15.96
N ARG A 131 6.16 -29.46 -15.53
CA ARG A 131 7.33 -29.80 -16.31
C ARG A 131 8.36 -30.38 -15.34
N THR A 132 9.27 -31.16 -15.91
CA THR A 132 10.34 -31.77 -15.13
C THR A 132 11.44 -30.79 -14.76
N ILE A 133 11.80 -30.76 -13.49
CA ILE A 133 12.89 -29.93 -13.00
C ILE A 133 14.19 -30.59 -13.54
N PRO A 134 15.03 -29.81 -14.28
CA PRO A 134 16.19 -30.38 -14.94
C PRO A 134 17.21 -30.78 -13.89
N ARG A 135 17.74 -31.99 -14.05
CA ARG A 135 18.86 -32.46 -13.24
C ARG A 135 20.23 -32.10 -13.79
N GLU A 136 20.29 -31.77 -15.07
CA GLU A 136 21.54 -31.38 -15.73
C GLU A 136 21.88 -29.90 -15.49
N ASN A 137 23.17 -29.62 -15.28
CA ASN A 137 23.67 -28.26 -15.16
C ASN A 137 22.79 -27.43 -14.23
N ASN A 138 22.47 -27.99 -13.07
CA ASN A 138 21.61 -27.38 -12.10
C ASN A 138 22.30 -27.34 -10.74
N GLN A 139 23.15 -26.32 -10.57
CA GLN A 139 23.82 -26.08 -9.29
C GLN A 139 22.84 -25.72 -8.19
N GLU A 140 21.75 -25.05 -8.56
CA GLU A 140 20.70 -24.71 -7.58
C GLU A 140 20.10 -25.98 -6.95
N LEU A 141 19.75 -26.95 -7.77
CA LEU A 141 19.32 -28.25 -7.28
C LEU A 141 20.39 -28.97 -6.41
N GLU A 142 21.63 -28.98 -6.88
CA GLU A 142 22.73 -29.60 -6.12
C GLU A 142 22.73 -29.03 -4.69
N LYS A 143 22.68 -27.70 -4.57
CA LYS A 143 22.70 -27.06 -3.26
C LYS A 143 21.43 -27.43 -2.50
N ALA A 144 20.32 -27.54 -3.20
CA ALA A 144 19.06 -28.02 -2.61
C ALA A 144 19.13 -29.43 -2.01
N LEU A 145 19.75 -30.34 -2.73
CA LEU A 145 19.78 -31.71 -2.29
C LEU A 145 20.70 -31.82 -1.06
N ALA A 146 21.69 -30.93 -0.94
CA ALA A 146 22.56 -30.87 0.25
C ALA A 146 21.71 -30.43 1.49
N LEU A 147 20.76 -29.52 1.26
CA LEU A 147 19.78 -29.10 2.30
C LEU A 147 18.89 -30.25 2.73
N ILE A 148 18.36 -30.99 1.75
CA ILE A 148 17.64 -32.24 2.05
C ILE A 148 18.46 -33.14 2.99
N SER A 149 19.78 -33.18 2.86
CA SER A 149 20.59 -34.10 3.67
C SER A 149 20.45 -33.97 5.22
N GLU A 150 19.52 -33.10 5.70
CA GLU A 150 19.04 -33.15 7.14
C GLU A 150 17.55 -33.54 7.32
N GLN A 151 17.31 -34.58 8.13
CA GLN A 151 15.94 -35.00 8.45
C GLN A 151 15.60 -34.71 9.92
CA GLY B 9 -21.96 -28.59 -7.63
C GLY B 9 -21.59 -28.50 -6.16
N ARG B 10 -20.31 -28.25 -5.89
CA ARG B 10 -19.81 -27.95 -4.55
C ARG B 10 -20.38 -26.59 -4.09
N GLN B 11 -20.73 -26.51 -2.82
CA GLN B 11 -21.29 -25.32 -2.19
C GLN B 11 -20.46 -24.94 -0.96
N SER B 12 -20.43 -23.65 -0.63
CA SER B 12 -19.61 -23.14 0.48
C SER B 12 -20.13 -23.54 1.85
N LYS B 13 -19.19 -23.81 2.76
CA LYS B 13 -19.61 -24.19 4.07
C LYS B 13 -18.97 -23.30 5.12
N GLY B 14 -19.74 -23.09 6.19
CA GLY B 14 -19.41 -22.10 7.16
C GLY B 14 -20.12 -20.78 6.95
N VAL B 15 -19.76 -19.82 7.78
CA VAL B 15 -20.37 -18.53 7.83
C VAL B 15 -19.46 -17.55 7.10
N LEU B 16 -20.07 -16.58 6.41
CA LEU B 16 -19.28 -15.53 5.77
C LEU B 16 -18.40 -14.73 6.77
N LEU B 17 -17.10 -14.72 6.53
CA LEU B 17 -16.11 -13.99 7.36
C LEU B 17 -15.79 -12.65 6.73
N LEU B 18 -15.53 -12.65 5.42
CA LEU B 18 -15.00 -11.48 4.74
C LEU B 18 -15.53 -11.47 3.33
N ARG B 19 -15.71 -10.27 2.81
CA ARG B 19 -16.05 -10.06 1.43
C ARG B 19 -15.40 -8.82 0.89
N THR B 20 -14.73 -8.95 -0.26
CA THR B 20 -13.97 -7.86 -0.86
C THR B 20 -13.82 -8.03 -2.39
N LEU B 21 -13.30 -7.03 -3.08
CA LEU B 21 -13.03 -7.13 -4.51
C LEU B 21 -11.52 -7.26 -4.71
N ALA B 22 -11.11 -8.14 -5.62
CA ALA B 22 -9.70 -8.36 -5.92
C ALA B 22 -9.28 -7.20 -6.79
N MET B 23 -8.19 -6.52 -6.40
CA MET B 23 -7.79 -5.28 -7.04
C MET B 23 -6.44 -5.42 -7.74
N PRO B 24 -6.19 -4.58 -8.78
CA PRO B 24 -4.93 -4.62 -9.55
C PRO B 24 -3.65 -4.50 -8.69
N SER B 25 -3.69 -3.73 -7.62
CA SER B 25 -2.49 -3.56 -6.82
C SER B 25 -2.07 -4.85 -6.13
N ASP B 26 -2.93 -5.83 -6.04
CA ASP B 26 -2.65 -7.07 -5.31
C ASP B 26 -2.33 -8.26 -6.23
N THR B 27 -1.89 -7.94 -7.42
CA THR B 27 -1.51 -8.94 -8.41
C THR B 27 -0.04 -9.35 -8.34
N ASN B 28 0.21 -10.54 -8.89
CA ASN B 28 1.51 -11.07 -9.12
C ASN B 28 2.00 -10.88 -10.57
N ALA B 29 3.16 -11.41 -10.89
CA ALA B 29 3.74 -11.23 -12.24
C ALA B 29 2.90 -11.89 -13.35
N ASN B 30 2.14 -12.93 -13.02
CA ASN B 30 1.20 -13.55 -13.98
C ASN B 30 -0.08 -12.74 -14.19
N GLY B 31 -0.33 -11.76 -13.33
CA GLY B 31 -1.53 -10.92 -13.41
C GLY B 31 -2.66 -11.47 -12.56
N ASP B 32 -2.44 -12.61 -11.92
CA ASP B 32 -3.42 -13.11 -10.98
C ASP B 32 -3.16 -12.43 -9.61
N ILE B 33 -4.08 -12.62 -8.70
CA ILE B 33 -3.91 -12.12 -7.36
C ILE B 33 -2.83 -12.96 -6.63
N PHE B 34 -1.89 -12.23 -5.99
CA PHE B 34 -0.77 -12.77 -5.23
C PHE B 34 -1.25 -13.69 -4.08
N GLY B 35 -0.55 -14.80 -3.89
CA GLY B 35 -0.92 -15.82 -2.92
C GLY B 35 -0.89 -15.25 -1.53
N GLY B 36 0.08 -14.37 -1.24
CA GLY B 36 0.19 -13.68 0.10
C GLY B 36 -1.04 -12.86 0.46
N TRP B 37 -1.66 -12.24 -0.54
CA TRP B 37 -2.90 -11.51 -0.31
C TRP B 37 -4.02 -12.44 0.10
N ILE B 38 -4.12 -13.60 -0.55
CA ILE B 38 -5.17 -14.58 -0.20
C ILE B 38 -4.96 -15.12 1.20
N MET B 39 -3.72 -15.45 1.50
CA MET B 39 -3.36 -15.89 2.85
C MET B 39 -3.71 -14.86 3.90
N SER B 40 -3.51 -13.60 3.56
CA SER B 40 -3.79 -12.52 4.50
C SER B 40 -5.31 -12.39 4.75
N GLN B 41 -6.11 -12.55 3.68
CA GLN B 41 -7.56 -12.45 3.81
C GLN B 41 -8.06 -13.60 4.67
N MET B 42 -7.54 -14.80 4.42
CA MET B 42 -7.94 -15.99 5.18
C MET B 42 -7.65 -15.83 6.69
N ALA B 43 -6.46 -15.31 6.99
CA ALA B 43 -6.03 -15.06 8.37
C ALA B 43 -6.88 -14.00 9.09
N MET B 44 -7.17 -12.92 8.41
CA MET B 44 -7.99 -11.89 8.94
C MET B 44 -9.42 -12.36 9.19
N GLY B 45 -9.97 -13.15 8.27
CA GLY B 45 -11.34 -13.64 8.36
C GLY B 45 -11.50 -14.66 9.46
N GLY B 46 -10.57 -15.62 9.47
CA GLY B 46 -10.45 -16.66 10.45
C GLY B 46 -10.36 -16.09 11.85
N ALA B 47 -9.48 -15.09 12.02
CA ALA B 47 -9.29 -14.36 13.27
C ALA B 47 -10.57 -13.67 13.79
N ILE B 48 -11.39 -13.10 12.89
CA ILE B 48 -12.67 -12.49 13.31
C ILE B 48 -13.57 -13.53 13.94
N LEU B 49 -13.72 -14.71 13.31
CA LEU B 49 -14.60 -15.73 13.91
C LEU B 49 -14.05 -16.21 15.25
N ALA B 50 -12.72 -16.36 15.30
CA ALA B 50 -12.05 -16.76 16.53
C ALA B 50 -12.33 -15.75 17.65
N LYS B 51 -12.24 -14.46 17.33
CA LYS B 51 -12.49 -13.41 18.30
C LYS B 51 -13.96 -13.38 18.76
N GLU B 52 -14.86 -13.63 17.80
CA GLU B 52 -16.31 -13.69 18.10
C GLU B 52 -16.58 -14.84 19.07
N ILE B 53 -16.07 -16.03 18.73
CA ILE B 53 -16.20 -17.21 19.62
C ILE B 53 -15.46 -16.98 20.97
N ALA B 54 -14.32 -16.30 20.95
CA ALA B 54 -13.50 -16.15 22.16
C ALA B 54 -13.86 -14.96 22.99
N HIS B 55 -14.78 -14.11 22.53
CA HIS B 55 -15.18 -12.87 23.22
C HIS B 55 -14.03 -11.95 23.55
N GLY B 56 -13.08 -11.84 22.62
CA GLY B 56 -12.02 -10.85 22.75
C GLY B 56 -10.79 -11.23 21.97
N ARG B 57 -9.64 -10.76 22.42
CA ARG B 57 -8.41 -10.97 21.69
C ARG B 57 -8.04 -12.45 21.51
N VAL B 58 -7.44 -12.71 20.37
CA VAL B 58 -6.80 -14.00 20.05
C VAL B 58 -5.45 -13.72 19.40
N VAL B 59 -4.63 -14.75 19.30
CA VAL B 59 -3.45 -14.73 18.47
C VAL B 59 -3.48 -15.95 17.54
N THR B 60 -2.87 -15.83 16.36
CA THR B 60 -2.78 -16.96 15.46
C THR B 60 -1.51 -17.73 15.83
N VAL B 61 -1.63 -19.05 16.01
CA VAL B 61 -0.47 -19.89 16.36
C VAL B 61 -0.11 -20.92 15.28
N ALA B 62 -1.08 -21.32 14.47
CA ALA B 62 -0.73 -22.31 13.42
C ALA B 62 -1.62 -22.27 12.22
N VAL B 63 -1.05 -22.73 11.10
CA VAL B 63 -1.82 -23.05 9.88
C VAL B 63 -1.27 -24.43 9.44
N GLU B 64 -2.01 -25.44 9.80
CA GLU B 64 -1.59 -26.77 9.57
C GLU B 64 -1.70 -27.14 8.12
N SER B 65 -2.63 -26.50 7.44
CA SER B 65 -2.89 -26.78 6.05
C SER B 65 -3.28 -25.52 5.26
N MET B 66 -2.85 -25.43 4.01
CA MET B 66 -3.36 -24.45 3.02
C MET B 66 -3.20 -25.06 1.61
N ASN B 67 -4.24 -24.91 0.79
CA ASN B 67 -4.29 -25.44 -0.58
C ASN B 67 -4.67 -24.33 -1.49
N PHE B 68 -3.80 -24.03 -2.47
CA PHE B 68 -4.14 -23.07 -3.49
C PHE B 68 -4.70 -23.88 -4.65
N ILE B 69 -6.02 -23.78 -4.89
CA ILE B 69 -6.75 -24.68 -5.85
C ILE B 69 -6.81 -24.04 -7.21
N LYS B 70 -7.23 -22.79 -7.25
CA LYS B 70 -7.32 -22.00 -8.48
C LYS B 70 -6.96 -20.59 -8.25
N PRO B 71 -6.56 -19.90 -9.33
CA PRO B 71 -6.19 -18.50 -9.17
C PRO B 71 -7.37 -17.59 -9.04
N ILE B 72 -7.15 -16.45 -8.41
CA ILE B 72 -8.09 -15.34 -8.40
C ILE B 72 -7.67 -14.27 -9.43
N SER B 73 -8.68 -13.68 -10.08
CA SER B 73 -8.50 -12.65 -11.09
C SER B 73 -8.93 -11.32 -10.57
N VAL B 74 -8.29 -10.27 -11.13
CA VAL B 74 -8.74 -8.90 -10.82
C VAL B 74 -10.26 -8.79 -11.19
N GLY B 75 -11.01 -8.11 -10.31
CA GLY B 75 -12.42 -7.87 -10.42
C GLY B 75 -13.32 -9.00 -9.95
N ASP B 76 -12.77 -10.19 -9.66
CA ASP B 76 -13.52 -11.19 -8.88
C ASP B 76 -13.96 -10.62 -7.52
N VAL B 77 -15.18 -10.99 -7.12
CA VAL B 77 -15.62 -10.85 -5.72
C VAL B 77 -15.00 -12.04 -4.99
N VAL B 78 -14.38 -11.78 -3.84
CA VAL B 78 -13.71 -12.79 -3.06
C VAL B 78 -14.37 -12.86 -1.68
N CYS B 79 -14.81 -14.05 -1.29
CA CYS B 79 -15.44 -14.29 0.00
C CYS B 79 -14.64 -15.35 0.76
N CYS B 80 -14.57 -15.19 2.08
CA CYS B 80 -13.94 -16.14 2.98
C CYS B 80 -15.03 -16.68 3.88
N TYR B 81 -15.16 -18.01 3.94
CA TYR B 81 -16.18 -18.67 4.76
C TYR B 81 -15.47 -19.45 5.81
N GLY B 82 -16.05 -19.51 6.99
CA GLY B 82 -15.37 -20.15 8.10
C GLY B 82 -16.22 -21.18 8.79
N GLN B 83 -15.59 -22.28 9.14
CA GLN B 83 -16.25 -23.33 9.90
C GLN B 83 -15.40 -23.66 11.13
N CYS B 84 -15.91 -23.40 12.33
CA CYS B 84 -15.15 -23.77 13.52
C CYS B 84 -15.21 -25.27 13.68
N LEU B 85 -14.04 -25.89 13.71
CA LEU B 85 -13.92 -27.36 13.80
C LEU B 85 -13.78 -27.86 15.22
N LYS B 86 -13.22 -27.07 16.10
CA LYS B 86 -12.88 -27.56 17.44
C LYS B 86 -12.61 -26.36 18.34
N VAL B 87 -13.04 -26.45 19.59
CA VAL B 87 -12.80 -25.38 20.54
C VAL B 87 -12.23 -26.06 21.77
N GLY B 88 -11.05 -25.63 22.19
CA GLY B 88 -10.45 -26.11 23.43
C GLY B 88 -10.83 -25.17 24.57
N ARG B 89 -10.08 -25.24 25.68
CA ARG B 89 -10.23 -24.25 26.74
C ARG B 89 -9.91 -22.80 26.25
N SER B 90 -8.78 -22.64 25.56
CA SER B 90 -8.41 -21.36 24.95
C SER B 90 -8.23 -21.43 23.44
N SER B 91 -8.08 -22.62 22.85
CA SER B 91 -7.80 -22.73 21.41
C SER B 91 -9.06 -22.87 20.56
N ILE B 92 -8.95 -22.36 19.36
CA ILE B 92 -10.00 -22.44 18.34
C ILE B 92 -9.38 -22.83 17.01
N LYS B 93 -9.86 -23.94 16.45
CA LYS B 93 -9.48 -24.43 15.12
C LYS B 93 -10.57 -24.09 14.11
N ILE B 94 -10.21 -23.46 12.99
CA ILE B 94 -11.19 -22.97 12.01
C ILE B 94 -10.75 -23.30 10.60
N LYS B 95 -11.63 -23.96 9.84
CA LYS B 95 -11.42 -24.15 8.39
C LYS B 95 -11.95 -22.95 7.62
N VAL B 96 -11.11 -22.40 6.76
CA VAL B 96 -11.45 -21.25 5.93
C VAL B 96 -11.47 -21.75 4.47
N GLU B 97 -12.56 -21.47 3.78
CA GLU B 97 -12.57 -21.52 2.31
C GLU B 97 -12.70 -20.18 1.68
N VAL B 98 -11.94 -20.00 0.60
CA VAL B 98 -12.05 -18.82 -0.19
C VAL B 98 -12.84 -19.14 -1.47
N TRP B 99 -13.87 -18.34 -1.74
CA TRP B 99 -14.68 -18.52 -2.94
C TRP B 99 -14.63 -17.26 -3.78
N VAL B 100 -14.76 -17.42 -5.10
CA VAL B 100 -14.89 -16.25 -5.99
C VAL B 100 -16.24 -16.26 -6.69
N LYS B 101 -16.75 -15.06 -6.98
CA LYS B 101 -17.88 -14.88 -7.85
C LYS B 101 -17.50 -13.89 -8.93
N LYS B 102 -17.81 -14.26 -10.15
CA LYS B 102 -17.62 -13.45 -11.38
C LYS B 102 -18.84 -12.53 -11.57
N VAL B 103 -18.68 -11.22 -11.41
CA VAL B 103 -19.79 -10.24 -11.60
C VAL B 103 -19.60 -9.25 -12.78
N ALA B 104 -18.34 -9.02 -13.15
CA ALA B 104 -18.00 -8.07 -14.23
C ALA B 104 -16.85 -8.61 -15.03
N SER B 105 -16.83 -9.93 -15.10
CA SER B 105 -15.81 -10.68 -15.81
C SER B 105 -16.44 -12.04 -16.18
N GLU B 106 -15.81 -12.70 -17.14
CA GLU B 106 -16.47 -13.82 -17.81
C GLU B 106 -16.00 -15.15 -17.23
N PRO B 107 -16.90 -16.15 -17.16
CA PRO B 107 -18.34 -16.04 -17.42
C PRO B 107 -19.00 -15.49 -16.18
N ILE B 108 -19.88 -14.51 -16.36
CA ILE B 108 -20.55 -13.82 -15.25
C ILE B 108 -21.35 -14.83 -14.46
N GLY B 109 -21.48 -14.60 -13.16
CA GLY B 109 -22.28 -15.45 -12.31
C GLY B 109 -21.59 -16.69 -11.76
N GLU B 110 -20.54 -17.15 -12.42
CA GLU B 110 -19.83 -18.36 -11.99
C GLU B 110 -19.25 -18.17 -10.58
N ARG B 111 -19.37 -19.18 -9.73
CA ARG B 111 -18.74 -19.23 -8.38
C ARG B 111 -17.94 -20.50 -8.22
N TYR B 112 -16.78 -20.40 -7.55
CA TYR B 112 -16.07 -21.62 -7.15
C TYR B 112 -15.04 -21.41 -6.06
N CYS B 113 -14.64 -22.52 -5.46
CA CYS B 113 -13.69 -22.48 -4.37
C CYS B 113 -12.28 -22.40 -4.98
N VAL B 114 -11.53 -21.42 -4.53
CA VAL B 114 -10.17 -21.16 -5.01
C VAL B 114 -9.05 -21.53 -4.02
N THR B 115 -9.34 -21.60 -2.73
CA THR B 115 -8.29 -21.70 -1.67
C THR B 115 -8.94 -22.22 -0.40
N ASP B 116 -8.25 -23.10 0.29
CA ASP B 116 -8.68 -23.41 1.64
C ASP B 116 -7.49 -23.44 2.61
N ALA B 117 -7.83 -23.46 3.89
CA ALA B 117 -6.78 -23.51 4.92
C ALA B 117 -7.43 -23.89 6.26
N VAL B 118 -6.61 -24.39 7.19
CA VAL B 118 -7.15 -24.70 8.52
C VAL B 118 -6.24 -23.95 9.48
N PHE B 119 -6.83 -23.01 10.20
CA PHE B 119 -6.14 -22.11 11.16
C PHE B 119 -6.36 -22.50 12.60
N THR B 120 -5.34 -22.28 13.44
CA THR B 120 -5.44 -22.46 14.91
C THR B 120 -5.14 -21.12 15.56
N PHE B 121 -6.10 -20.68 16.34
CA PHE B 121 -5.98 -19.48 17.21
C PHE B 121 -6.04 -19.81 18.70
N VAL B 122 -5.48 -18.95 19.53
CA VAL B 122 -5.54 -19.05 20.98
C VAL B 122 -6.06 -17.74 21.58
N ALA B 123 -7.05 -17.84 22.46
CA ALA B 123 -7.59 -16.63 23.10
C ALA B 123 -6.56 -16.11 24.10
N VAL B 124 -6.34 -14.79 24.09
CA VAL B 124 -5.34 -14.14 24.94
C VAL B 124 -5.88 -12.88 25.63
N ASP B 125 -5.20 -12.49 26.71
CA ASP B 125 -5.49 -11.25 27.38
C ASP B 125 -4.76 -10.09 26.72
N ASN B 126 -4.88 -8.93 27.35
CA ASN B 126 -4.17 -7.69 26.95
C ASN B 126 -2.64 -7.78 26.93
N ASN B 127 -2.10 -8.69 27.73
CA ASN B 127 -0.67 -8.99 27.75
C ASN B 127 -0.24 -10.08 26.77
N GLY B 128 -1.20 -10.70 26.09
CA GLY B 128 -0.87 -11.69 25.08
C GLY B 128 -0.69 -13.08 25.67
N ARG B 129 -1.14 -13.26 26.89
CA ARG B 129 -1.07 -14.55 27.54
C ARG B 129 -2.40 -15.28 27.43
N SER B 130 -2.34 -16.61 27.40
CA SER B 130 -3.53 -17.45 27.22
C SER B 130 -4.66 -17.08 28.20
N ARG B 131 -5.91 -17.10 27.72
CA ARG B 131 -7.08 -17.03 28.60
C ARG B 131 -8.16 -18.06 28.25
N THR B 132 -8.95 -18.43 29.23
CA THR B 132 -10.04 -19.37 29.04
C THR B 132 -11.22 -18.71 28.31
N ILE B 133 -11.62 -19.31 27.20
CA ILE B 133 -12.80 -18.85 26.48
C ILE B 133 -14.02 -18.93 27.43
N PRO B 134 -14.74 -17.79 27.65
CA PRO B 134 -15.88 -17.84 28.57
C PRO B 134 -16.99 -18.71 28.01
N ARG B 135 -17.52 -19.59 28.84
CA ARG B 135 -18.56 -20.53 28.43
C ARG B 135 -19.96 -20.01 28.80
N GLU B 136 -20.06 -19.35 29.96
CA GLU B 136 -21.34 -18.79 30.46
C GLU B 136 -21.85 -17.69 29.52
N ASN B 137 -23.10 -17.78 29.09
CA ASN B 137 -23.73 -16.84 28.12
C ASN B 137 -22.81 -16.41 26.96
N ASN B 138 -22.15 -17.40 26.35
CA ASN B 138 -21.41 -17.19 25.13
C ASN B 138 -22.20 -17.77 23.96
N GLN B 139 -23.03 -16.93 23.36
CA GLN B 139 -23.95 -17.38 22.32
C GLN B 139 -23.22 -17.70 20.99
N GLU B 140 -22.08 -17.06 20.72
CA GLU B 140 -21.26 -17.38 19.53
C GLU B 140 -20.53 -18.73 19.73
N LEU B 141 -20.08 -19.03 20.96
CA LEU B 141 -19.49 -20.33 21.29
C LEU B 141 -20.50 -21.45 21.22
N GLU B 142 -21.69 -21.17 21.76
CA GLU B 142 -22.80 -22.12 21.83
C GLU B 142 -23.15 -22.55 20.41
N LYS B 143 -23.28 -21.57 19.55
CA LYS B 143 -23.57 -21.75 18.14
C LYS B 143 -22.50 -22.60 17.41
N ALA B 144 -21.23 -22.36 17.71
CA ALA B 144 -20.13 -23.14 17.14
C ALA B 144 -20.13 -24.61 17.58
N LEU B 145 -20.36 -24.83 18.86
CA LEU B 145 -20.36 -26.18 19.42
C LEU B 145 -21.53 -26.98 18.88
N ALA B 146 -22.68 -26.34 18.71
CA ALA B 146 -23.83 -27.03 18.18
C ALA B 146 -23.52 -27.54 16.78
N LEU B 147 -22.77 -26.76 15.99
CA LEU B 147 -22.40 -27.20 14.65
C LEU B 147 -21.37 -28.33 14.71
N ILE B 148 -20.44 -28.25 15.65
CA ILE B 148 -19.46 -29.33 15.84
C ILE B 148 -20.16 -30.64 16.22
N SER B 149 -21.14 -30.55 17.12
CA SER B 149 -21.98 -31.72 17.51
C SER B 149 -22.57 -32.51 16.34
N GLU B 150 -22.84 -31.84 15.22
CA GLU B 150 -23.35 -32.52 14.02
C GLU B 150 -22.49 -32.26 12.79
C GLY C 9 13.79 33.60 5.07
N ARG C 10 14.24 32.34 5.11
CA ARG C 10 14.32 31.50 3.91
C ARG C 10 12.94 31.20 3.32
N GLN C 11 12.87 31.31 2.00
CA GLN C 11 11.65 31.08 1.24
C GLN C 11 11.96 30.02 0.18
N SER C 12 10.91 29.33 -0.29
CA SER C 12 11.06 28.33 -1.36
C SER C 12 11.50 28.93 -2.70
N LYS C 13 12.27 28.15 -3.45
CA LYS C 13 12.55 28.48 -4.85
C LYS C 13 11.94 27.41 -5.74
N GLY C 14 11.34 27.86 -6.84
CA GLY C 14 10.82 26.96 -7.83
C GLY C 14 9.31 27.04 -7.98
N VAL C 15 8.78 26.21 -8.86
CA VAL C 15 7.36 26.11 -9.03
C VAL C 15 6.85 24.96 -8.18
N LEU C 16 5.58 25.00 -7.80
CA LEU C 16 5.04 23.98 -6.95
C LEU C 16 4.81 22.76 -7.84
N LEU C 17 5.44 21.67 -7.47
CA LEU C 17 5.34 20.42 -8.18
C LEU C 17 4.24 19.50 -7.63
N LEU C 18 4.23 19.38 -6.30
CA LEU C 18 3.40 18.42 -5.60
C LEU C 18 3.07 18.96 -4.26
N ARG C 19 1.89 18.58 -3.78
CA ARG C 19 1.41 18.95 -2.45
C ARG C 19 0.54 17.82 -1.90
N THR C 20 0.84 17.41 -0.68
CA THR C 20 0.17 16.28 -0.06
C THR C 20 0.23 16.33 1.49
N LEU C 21 -0.43 15.39 2.15
CA LEU C 21 -0.40 15.29 3.60
C LEU C 21 0.45 14.07 4.00
N ALA C 22 1.32 14.24 4.98
CA ALA C 22 2.09 13.12 5.51
C ALA C 22 1.16 12.24 6.39
N MET C 23 1.10 10.97 6.01
CA MET C 23 0.22 9.97 6.64
C MET C 23 0.96 8.90 7.50
N PRO C 24 0.24 8.34 8.53
CA PRO C 24 0.80 7.26 9.40
C PRO C 24 1.40 6.05 8.64
N SER C 25 0.81 5.64 7.51
CA SER C 25 1.34 4.49 6.78
C SER C 25 2.75 4.74 6.25
N ASP C 26 3.16 6.02 6.17
CA ASP C 26 4.47 6.36 5.61
C ASP C 26 5.52 6.69 6.63
N THR C 27 5.33 6.19 7.85
CA THR C 27 6.33 6.38 8.87
C THR C 27 7.38 5.28 8.93
N ASN C 28 8.46 5.63 9.65
CA ASN C 28 9.55 4.73 9.94
C ASN C 28 9.45 4.32 11.41
N ALA C 29 10.39 3.50 11.88
CA ALA C 29 10.37 2.97 13.26
C ALA C 29 10.38 4.07 14.31
N ASN C 30 11.00 5.20 13.97
CA ASN C 30 11.09 6.31 14.91
C ASN C 30 9.81 7.11 14.99
N GLY C 31 8.89 6.88 14.07
CA GLY C 31 7.64 7.63 14.04
C GLY C 31 7.65 8.80 13.08
N ASP C 32 8.82 9.13 12.53
CA ASP C 32 8.91 10.18 11.51
C ASP C 32 8.53 9.61 10.17
N ILE C 33 8.30 10.48 9.19
CA ILE C 33 8.11 9.98 7.80
C ILE C 33 9.38 9.28 7.22
N PHE C 34 9.19 8.08 6.69
CA PHE C 34 10.24 7.33 5.97
C PHE C 34 10.95 8.13 4.81
N GLY C 35 12.27 8.22 4.86
CA GLY C 35 13.09 8.88 3.82
C GLY C 35 12.76 8.42 2.41
N GLY C 36 12.46 7.14 2.26
CA GLY C 36 12.02 6.54 0.98
C GLY C 36 10.78 7.19 0.41
N TRP C 37 9.84 7.54 1.26
CA TRP C 37 8.61 8.21 0.83
C TRP C 37 8.98 9.61 0.34
N ILE C 38 9.85 10.30 1.06
CA ILE C 38 10.27 11.67 0.70
C ILE C 38 10.95 11.64 -0.68
N MET C 39 11.90 10.72 -0.86
CA MET C 39 12.58 10.52 -2.15
C MET C 39 11.61 10.28 -3.32
N SER C 40 10.60 9.45 -3.09
CA SER C 40 9.55 9.14 -4.06
C SER C 40 8.75 10.37 -4.43
N GLN C 41 8.39 11.19 -3.43
CA GLN C 41 7.67 12.46 -3.66
C GLN C 41 8.53 13.38 -4.53
N MET C 42 9.80 13.54 -4.19
CA MET C 42 10.75 14.36 -5.00
C MET C 42 10.85 13.84 -6.40
N ALA C 43 10.95 12.51 -6.55
CA ALA C 43 11.03 11.85 -7.85
C ALA C 43 9.80 12.10 -8.75
N MET C 44 8.63 11.92 -8.14
CA MET C 44 7.38 12.12 -8.83
C MET C 44 7.19 13.57 -9.22
N GLY C 45 7.43 14.47 -8.27
CA GLY C 45 7.33 15.88 -8.50
C GLY C 45 8.27 16.39 -9.57
N GLY C 46 9.54 16.08 -9.38
CA GLY C 46 10.57 16.43 -10.39
C GLY C 46 10.25 15.96 -11.78
N ALA C 47 9.74 14.73 -11.88
CA ALA C 47 9.35 14.13 -13.17
C ALA C 47 8.21 14.83 -13.87
N ILE C 48 7.25 15.33 -13.09
CA ILE C 48 6.12 16.10 -13.66
C ILE C 48 6.68 17.30 -14.45
N LEU C 49 7.56 18.06 -13.81
CA LEU C 49 8.16 19.24 -14.40
C LEU C 49 9.03 18.87 -15.65
N ALA C 50 9.81 17.79 -15.53
CA ALA C 50 10.52 17.26 -16.70
C ALA C 50 9.57 16.86 -17.81
N LYS C 51 8.48 16.16 -17.54
CA LYS C 51 7.59 15.79 -18.62
C LYS C 51 6.96 17.02 -19.26
N GLU C 52 6.68 18.04 -18.44
CA GLU C 52 6.09 19.28 -18.94
C GLU C 52 7.04 19.92 -20.00
N ILE C 53 8.31 20.02 -19.65
CA ILE C 53 9.36 20.61 -20.46
C ILE C 53 9.66 19.74 -21.69
N ALA C 54 9.73 18.44 -21.47
CA ALA C 54 10.07 17.47 -22.52
C ALA C 54 8.93 17.21 -23.48
N HIS C 55 7.71 17.64 -23.11
CA HIS C 55 6.49 17.41 -23.91
C HIS C 55 6.23 15.90 -24.07
N GLY C 56 6.47 15.14 -23.00
CA GLY C 56 6.25 13.71 -23.04
C GLY C 56 7.05 12.93 -22.03
N ARG C 57 7.16 11.62 -22.29
CA ARG C 57 7.75 10.65 -21.34
C ARG C 57 9.20 11.02 -21.03
N VAL C 58 9.61 10.70 -19.80
CA VAL C 58 10.98 10.85 -19.33
C VAL C 58 11.35 9.63 -18.53
N VAL C 59 12.66 9.44 -18.37
CA VAL C 59 13.18 8.56 -17.27
C VAL C 59 14.14 9.31 -16.37
N THR C 60 14.19 8.94 -15.12
CA THR C 60 15.22 9.46 -14.21
C THR C 60 16.52 8.70 -14.53
N VAL C 61 17.62 9.40 -14.76
CA VAL C 61 18.90 8.74 -14.92
C VAL C 61 19.88 8.95 -13.73
N ALA C 62 19.74 10.06 -13.01
CA ALA C 62 20.63 10.38 -11.88
C ALA C 62 20.00 11.27 -10.86
N VAL C 63 20.49 11.10 -9.62
CA VAL C 63 20.26 12.08 -8.57
C VAL C 63 21.64 12.34 -7.97
N GLU C 64 22.27 13.42 -8.38
CA GLU C 64 23.68 13.65 -8.01
C GLU C 64 23.83 13.97 -6.52
N SER C 65 22.76 14.54 -5.92
CA SER C 65 22.78 14.90 -4.50
C SER C 65 21.41 14.85 -3.90
N MET C 66 21.31 14.43 -2.63
CA MET C 66 20.16 14.67 -1.80
C MET C 66 20.62 14.95 -0.39
N ASN C 67 19.90 15.84 0.26
CA ASN C 67 20.17 16.22 1.64
C ASN C 67 18.90 16.12 2.43
N PHE C 68 18.92 15.32 3.51
CA PHE C 68 17.80 15.19 4.42
C PHE C 68 18.10 16.13 5.55
N ILE C 69 17.39 17.24 5.59
CA ILE C 69 17.78 18.34 6.53
C ILE C 69 17.06 18.27 7.87
N LYS C 70 15.75 18.06 7.82
CA LYS C 70 14.87 18.00 8.96
C LYS C 70 13.90 16.87 8.74
N PRO C 71 13.44 16.25 9.84
CA PRO C 71 12.42 15.22 9.68
C PRO C 71 11.02 15.76 9.32
N ILE C 72 10.21 14.93 8.69
CA ILE C 72 8.80 15.24 8.47
C ILE C 72 7.93 14.49 9.45
N SER C 73 6.89 15.14 9.96
CA SER C 73 5.98 14.54 10.91
C SER C 73 4.66 14.15 10.26
N VAL C 74 4.02 13.14 10.81
CA VAL C 74 2.63 12.82 10.44
C VAL C 74 1.72 14.06 10.59
N GLY C 75 0.90 14.31 9.59
CA GLY C 75 -0.02 15.44 9.67
C GLY C 75 0.54 16.74 9.09
N ASP C 76 1.85 16.81 8.80
CA ASP C 76 2.49 17.96 8.13
C ASP C 76 1.94 18.01 6.68
N VAL C 77 1.73 19.21 6.15
CA VAL C 77 1.49 19.41 4.73
C VAL C 77 2.87 19.41 4.10
N VAL C 78 3.03 18.63 3.02
CA VAL C 78 4.31 18.46 2.36
C VAL C 78 4.22 18.94 0.89
N CYS C 79 5.03 19.95 0.55
CA CYS C 79 5.14 20.53 -0.82
C CYS C 79 6.50 20.26 -1.42
N CYS C 80 6.54 20.03 -2.74
CA CYS C 80 7.80 19.87 -3.49
C CYS C 80 7.86 20.96 -4.54
N TYR C 81 8.94 21.73 -4.53
CA TYR C 81 9.17 22.80 -5.49
C TYR C 81 10.36 22.46 -6.37
N GLY C 82 10.23 22.84 -7.63
CA GLY C 82 11.21 22.49 -8.63
C GLY C 82 11.73 23.73 -9.34
N GLN C 83 13.03 23.74 -9.59
CA GLN C 83 13.70 24.72 -10.38
C GLN C 83 14.55 23.99 -11.43
N CYS C 84 14.21 24.18 -12.72
CA CYS C 84 15.01 23.59 -13.78
C CYS C 84 16.31 24.41 -13.89
N LEU C 85 17.44 23.71 -13.82
CA LEU C 85 18.79 24.24 -13.82
C LEU C 85 19.44 24.24 -15.21
N LYS C 86 19.04 23.29 -16.04
CA LYS C 86 19.71 23.00 -17.29
C LYS C 86 18.88 22.05 -18.15
N VAL C 87 18.84 22.32 -19.44
CA VAL C 87 18.13 21.49 -20.39
C VAL C 87 19.10 21.15 -21.53
N GLY C 88 19.27 19.86 -21.81
CA GLY C 88 20.17 19.43 -22.87
C GLY C 88 19.37 19.17 -24.11
N ARG C 89 19.98 18.47 -25.04
CA ARG C 89 19.22 17.95 -26.17
C ARG C 89 18.07 17.01 -25.72
N SER C 90 18.36 16.19 -24.72
CA SER C 90 17.40 15.24 -24.19
C SER C 90 17.30 15.29 -22.66
N SER C 91 18.32 15.84 -22.00
CA SER C 91 18.34 15.80 -20.51
C SER C 91 17.72 17.07 -19.86
N ILE C 92 17.20 16.91 -18.66
CA ILE C 92 16.63 18.00 -17.91
C ILE C 92 17.11 17.85 -16.47
N LYS C 93 17.73 18.89 -15.94
CA LYS C 93 18.29 18.84 -14.57
C LYS C 93 17.39 19.73 -13.71
N ILE C 94 16.89 19.22 -12.59
CA ILE C 94 15.90 19.92 -11.81
C ILE C 94 16.35 19.85 -10.35
N LYS C 95 16.45 21.01 -9.70
CA LYS C 95 16.58 21.02 -8.22
C LYS C 95 15.19 20.99 -7.54
N VAL C 96 15.00 20.04 -6.64
CA VAL C 96 13.74 19.89 -5.87
C VAL C 96 14.01 20.23 -4.41
N GLU C 97 13.18 21.11 -3.83
CA GLU C 97 13.14 21.34 -2.40
C GLU C 97 11.79 20.88 -1.85
N VAL C 98 11.88 20.15 -0.74
CA VAL C 98 10.72 19.73 0.08
C VAL C 98 10.55 20.60 1.27
N TRP C 99 9.34 21.15 1.36
CA TRP C 99 8.97 22.08 2.38
C TRP C 99 7.72 21.51 3.08
N VAL C 100 7.66 21.76 4.37
CA VAL C 100 6.55 21.40 5.24
C VAL C 100 5.84 22.67 5.74
N LYS C 101 4.53 22.54 5.93
CA LYS C 101 3.70 23.52 6.65
C LYS C 101 2.95 22.85 7.80
N LYS C 102 3.09 23.40 9.01
CA LYS C 102 2.36 22.95 10.19
C LYS C 102 0.97 23.60 10.18
N VAL C 103 -0.05 22.76 10.03
CA VAL C 103 -1.47 23.22 10.01
C VAL C 103 -2.29 22.69 11.18
N ALA C 104 -1.87 21.54 11.75
CA ALA C 104 -2.57 20.94 12.91
C ALA C 104 -1.62 20.40 13.98
N SER C 105 -0.35 20.78 13.90
CA SER C 105 0.63 20.58 14.97
C SER C 105 1.25 21.94 15.27
N GLU C 106 1.96 22.05 16.39
CA GLU C 106 2.52 23.34 16.81
C GLU C 106 3.97 23.49 16.34
N PRO C 107 4.38 24.73 16.00
CA PRO C 107 3.60 25.97 15.94
C PRO C 107 2.91 26.07 14.59
N ILE C 108 1.63 26.44 14.62
CA ILE C 108 0.78 26.34 13.43
C ILE C 108 1.21 27.44 12.46
N GLY C 109 1.18 27.14 11.18
CA GLY C 109 1.57 28.13 10.17
C GLY C 109 3.06 28.13 9.86
N GLU C 110 3.89 27.64 10.78
CA GLU C 110 5.32 27.47 10.54
C GLU C 110 5.65 26.66 9.27
N ARG C 111 6.60 27.16 8.47
CA ARG C 111 7.04 26.48 7.25
C ARG C 111 8.57 26.44 7.18
N TYR C 112 9.12 25.32 6.71
CA TYR C 112 10.55 25.22 6.49
C TYR C 112 10.95 24.08 5.56
N CYS C 113 12.18 24.21 5.04
CA CYS C 113 12.72 23.28 4.05
C CYS C 113 13.26 22.07 4.80
N VAL C 114 12.76 20.89 4.47
CA VAL C 114 13.16 19.65 5.13
C VAL C 114 14.14 18.82 4.31
N THR C 115 14.11 18.93 2.98
CA THR C 115 14.86 18.04 2.08
C THR C 115 15.13 18.75 0.73
N ASP C 116 16.29 18.42 0.14
CA ASP C 116 16.56 18.87 -1.22
C ASP C 116 17.23 17.77 -2.03
N ALA C 117 17.27 17.97 -3.34
CA ALA C 117 17.93 17.04 -4.23
C ALA C 117 18.12 17.70 -5.62
N VAL C 118 19.06 17.20 -6.38
CA VAL C 118 19.17 17.58 -7.80
C VAL C 118 19.05 16.32 -8.67
N PHE C 119 17.97 16.27 -9.47
CA PHE C 119 17.59 15.15 -10.31
C PHE C 119 17.97 15.47 -11.72
N THR C 120 18.32 14.44 -12.46
CA THR C 120 18.47 14.50 -13.92
C THR C 120 17.53 13.47 -14.59
N PHE C 121 16.76 13.96 -15.54
CA PHE C 121 15.83 13.17 -16.32
C PHE C 121 16.25 13.18 -17.77
N VAL C 122 15.82 12.16 -18.51
CA VAL C 122 16.05 12.11 -19.92
C VAL C 122 14.71 11.81 -20.61
N ALA C 123 14.36 12.66 -21.57
CA ALA C 123 13.26 12.44 -22.48
C ALA C 123 13.44 11.14 -23.30
N VAL C 124 12.38 10.33 -23.33
CA VAL C 124 12.39 9.02 -23.96
C VAL C 124 11.16 8.80 -24.84
N ASP C 125 11.29 7.89 -25.78
CA ASP C 125 10.17 7.43 -26.59
C ASP C 125 9.41 6.28 -25.89
N ASN C 126 8.41 5.74 -26.60
CA ASN C 126 7.67 4.50 -26.27
C ASN C 126 8.53 3.33 -25.77
N ASN C 127 9.73 3.17 -26.37
CA ASN C 127 10.66 2.09 -25.98
C ASN C 127 11.73 2.43 -24.95
N GLY C 128 11.58 3.57 -24.26
CA GLY C 128 12.55 4.01 -23.29
C GLY C 128 13.86 4.52 -23.86
N ARG C 129 13.87 4.85 -25.13
CA ARG C 129 15.07 5.25 -25.78
C ARG C 129 15.08 6.75 -25.91
N SER C 130 16.28 7.30 -25.84
CA SER C 130 16.49 8.74 -25.88
C SER C 130 15.75 9.44 -27.03
N ARG C 131 15.18 10.61 -26.72
CA ARG C 131 14.55 11.44 -27.73
C ARG C 131 14.79 12.90 -27.50
N THR C 132 14.73 13.66 -28.58
CA THR C 132 15.09 15.08 -28.57
C THR C 132 13.94 15.91 -28.06
N ILE C 133 14.20 16.74 -27.06
CA ILE C 133 13.18 17.65 -26.55
C ILE C 133 12.77 18.62 -27.64
N PRO C 134 11.44 18.73 -27.93
CA PRO C 134 11.01 19.66 -28.97
C PRO C 134 11.27 21.09 -28.56
N ARG C 135 11.91 21.84 -29.45
CA ARG C 135 12.35 23.21 -29.16
C ARG C 135 11.38 24.24 -29.72
N GLU C 136 10.70 23.87 -30.81
CA GLU C 136 9.69 24.71 -31.46
C GLU C 136 8.30 24.56 -30.81
N ASN C 137 7.63 25.70 -30.61
CA ASN C 137 6.30 25.78 -29.99
C ASN C 137 6.24 25.13 -28.61
N ASN C 138 7.32 25.25 -27.85
CA ASN C 138 7.42 24.65 -26.52
C ASN C 138 7.45 25.72 -25.42
N GLN C 139 6.28 26.16 -24.98
CA GLN C 139 6.15 27.18 -23.95
C GLN C 139 6.74 26.77 -22.59
N GLU C 140 6.59 25.51 -22.25
CA GLU C 140 7.10 25.05 -20.97
C GLU C 140 8.63 25.13 -20.97
N LEU C 141 9.26 24.76 -22.09
CA LEU C 141 10.73 24.88 -22.25
C LEU C 141 11.14 26.35 -22.26
N GLU C 142 10.42 27.15 -23.04
CA GLU C 142 10.62 28.61 -23.10
C GLU C 142 10.70 29.25 -21.69
N LYS C 143 9.71 28.98 -20.84
CA LYS C 143 9.68 29.46 -19.43
C LYS C 143 10.93 29.06 -18.58
N ALA C 144 11.29 27.79 -18.65
CA ALA C 144 12.51 27.28 -17.99
C ALA C 144 13.79 27.96 -18.49
N LEU C 145 13.96 28.04 -19.80
CA LEU C 145 15.17 28.63 -20.36
C LEU C 145 15.28 30.10 -19.93
N ALA C 146 14.14 30.77 -19.83
CA ALA C 146 14.10 32.15 -19.41
C ALA C 146 14.58 32.31 -17.99
N LEU C 147 14.08 31.49 -17.07
CA LEU C 147 14.56 31.54 -15.70
C LEU C 147 16.03 31.11 -15.58
N ILE C 148 16.49 30.19 -16.41
CA ILE C 148 17.90 29.80 -16.39
C ILE C 148 18.75 30.99 -16.83
N SER C 149 18.35 31.68 -17.91
CA SER C 149 19.13 32.82 -18.42
C SER C 149 19.24 34.01 -17.46
N GLU C 150 18.53 33.95 -16.33
CA GLU C 150 18.62 34.98 -15.29
C GLU C 150 19.76 34.76 -14.27
N GLN C 151 20.04 33.48 -13.92
CA GLN C 151 21.02 33.10 -12.90
C GLN C 151 20.70 33.75 -11.55
N LYS D 13 31.25 -6.27 -4.64
CA LYS D 13 30.01 -5.45 -4.40
C LYS D 13 29.55 -5.37 -2.95
N GLY D 14 30.32 -5.95 -2.03
CA GLY D 14 30.01 -5.85 -0.61
C GLY D 14 29.03 -6.93 -0.14
N VAL D 15 28.23 -6.60 0.85
CA VAL D 15 27.41 -7.60 1.51
C VAL D 15 25.95 -7.40 1.17
N LEU D 16 25.23 -8.50 1.26
CA LEU D 16 23.81 -8.52 0.97
C LEU D 16 23.04 -7.80 2.07
N LEU D 17 22.37 -6.71 1.69
CA LEU D 17 21.53 -5.92 2.61
C LEU D 17 20.05 -6.32 2.65
N LEU D 18 19.51 -6.50 1.47
CA LEU D 18 18.12 -6.68 1.25
C LEU D 18 17.92 -7.54 0.03
N ARG D 19 16.78 -8.21 0.01
CA ARG D 19 16.38 -9.07 -1.10
C ARG D 19 14.87 -9.22 -1.09
N THR D 20 14.29 -9.02 -2.26
CA THR D 20 12.81 -9.10 -2.40
C THR D 20 12.44 -9.35 -3.83
N LEU D 21 11.13 -9.49 -4.11
CA LEU D 21 10.66 -9.60 -5.52
C LEU D 21 10.02 -8.28 -6.00
N ALA D 22 10.32 -7.86 -7.23
CA ALA D 22 9.61 -6.72 -7.84
C ALA D 22 8.10 -7.09 -8.15
N MET D 23 7.20 -6.28 -7.59
CA MET D 23 5.74 -6.50 -7.65
C MET D 23 5.00 -5.44 -8.52
N PRO D 24 3.90 -5.87 -9.19
CA PRO D 24 3.09 -4.91 -9.95
C PRO D 24 2.62 -3.64 -9.19
N SER D 25 2.43 -3.72 -7.87
CA SER D 25 1.96 -2.51 -7.16
C SER D 25 3.00 -1.39 -7.20
N ASP D 26 4.25 -1.71 -7.48
CA ASP D 26 5.30 -0.72 -7.40
C ASP D 26 5.78 -0.27 -8.80
N THR D 27 4.91 -0.41 -9.77
CA THR D 27 5.19 0.00 -11.11
C THR D 27 4.87 1.47 -11.35
N ASN D 28 5.52 1.99 -12.37
CA ASN D 28 5.27 3.32 -12.87
C ASN D 28 4.37 3.24 -14.08
N ALA D 29 4.03 4.37 -14.67
CA ALA D 29 3.14 4.42 -15.86
C ALA D 29 3.70 3.74 -17.10
N ASN D 30 5.04 3.73 -17.22
CA ASN D 30 5.72 3.03 -18.31
C ASN D 30 5.59 1.52 -18.10
N GLY D 31 5.28 1.07 -16.88
CA GLY D 31 5.16 -0.35 -16.57
C GLY D 31 6.44 -0.96 -16.02
N ASP D 32 7.53 -0.19 -15.94
CA ASP D 32 8.72 -0.60 -15.18
C ASP D 32 8.53 -0.33 -13.66
N ILE D 33 9.42 -0.83 -12.82
CA ILE D 33 9.36 -0.53 -11.39
C ILE D 33 9.63 0.93 -11.17
N PHE D 34 8.82 1.57 -10.32
CA PHE D 34 8.96 3.00 -9.98
C PHE D 34 10.31 3.29 -9.29
N GLY D 35 10.99 4.34 -9.77
CA GLY D 35 12.31 4.70 -9.26
C GLY D 35 12.27 5.05 -7.77
N GLY D 36 11.17 5.64 -7.32
CA GLY D 36 10.92 5.86 -5.88
C GLY D 36 11.00 4.62 -5.00
N TRP D 37 10.47 3.51 -5.48
CA TRP D 37 10.54 2.22 -4.75
C TRP D 37 11.99 1.75 -4.65
N ILE D 38 12.73 1.87 -5.76
CA ILE D 38 14.18 1.46 -5.81
C ILE D 38 14.96 2.29 -4.75
N MET D 39 14.75 3.60 -4.77
CA MET D 39 15.48 4.48 -3.84
C MET D 39 15.12 4.09 -2.41
N SER D 40 13.86 3.76 -2.18
CA SER D 40 13.40 3.35 -0.81
C SER D 40 14.08 2.02 -0.36
N GLN D 41 14.19 1.04 -1.29
CA GLN D 41 14.92 -0.19 -0.99
C GLN D 41 16.38 0.12 -0.67
N MET D 42 17.05 0.94 -1.48
CA MET D 42 18.46 1.28 -1.21
C MET D 42 18.70 1.94 0.17
N ALA D 43 17.86 2.89 0.49
CA ALA D 43 17.81 3.50 1.80
C ALA D 43 17.62 2.54 2.96
N MET D 44 16.63 1.65 2.86
CA MET D 44 16.38 0.67 3.92
C MET D 44 17.56 -0.30 4.10
N GLY D 45 18.12 -0.82 3.00
CA GLY D 45 19.22 -1.76 3.07
C GLY D 45 20.47 -1.11 3.61
N GLY D 46 20.79 0.06 3.11
CA GLY D 46 21.95 0.81 3.56
C GLY D 46 21.89 1.14 5.03
N ALA D 47 20.69 1.49 5.49
CA ALA D 47 20.49 1.82 6.90
C ALA D 47 20.71 0.62 7.78
N ILE D 48 20.37 -0.59 7.29
CA ILE D 48 20.57 -1.80 8.07
C ILE D 48 22.07 -2.01 8.35
N LEU D 49 22.89 -1.97 7.30
CA LEU D 49 24.36 -2.00 7.46
C LEU D 49 24.94 -0.89 8.34
N ALA D 50 24.44 0.34 8.16
CA ALA D 50 24.84 1.44 9.03
C ALA D 50 24.53 1.14 10.50
N LYS D 51 23.35 0.60 10.77
CA LYS D 51 22.95 0.31 12.15
C LYS D 51 23.80 -0.82 12.76
N GLU D 52 24.13 -1.81 11.93
CA GLU D 52 25.04 -2.88 12.32
C GLU D 52 26.43 -2.38 12.74
N ILE D 53 27.03 -1.54 11.89
CA ILE D 53 28.31 -0.89 12.20
C ILE D 53 28.23 0.04 13.40
N ALA D 54 27.16 0.84 13.47
CA ALA D 54 26.92 1.81 14.56
C ALA D 54 26.48 1.23 15.90
N HIS D 55 26.11 -0.05 15.94
CA HIS D 55 25.58 -0.73 17.14
C HIS D 55 24.36 0.03 17.72
N GLY D 56 23.55 0.52 16.79
CA GLY D 56 22.23 1.04 17.10
C GLY D 56 21.65 2.01 16.10
N ARG D 57 20.78 2.89 16.58
CA ARG D 57 20.05 3.85 15.71
C ARG D 57 20.95 4.75 14.86
N VAL D 58 20.47 5.03 13.65
CA VAL D 58 21.07 5.97 12.71
C VAL D 58 19.98 6.86 12.07
N VAL D 59 20.41 8.00 11.55
CA VAL D 59 19.57 8.74 10.62
C VAL D 59 20.25 8.81 9.24
N THR D 60 19.46 8.82 8.19
CA THR D 60 19.94 9.10 6.81
C THR D 60 20.07 10.60 6.59
N VAL D 61 21.25 11.10 6.23
CA VAL D 61 21.48 12.51 6.06
C VAL D 61 21.75 12.96 4.61
N ALA D 62 22.22 12.07 3.77
CA ALA D 62 22.63 12.45 2.42
C ALA D 62 22.73 11.27 1.52
N VAL D 63 22.54 11.58 0.24
CA VAL D 63 22.78 10.71 -0.93
C VAL D 63 23.65 11.49 -1.92
N GLU D 64 24.59 10.78 -2.52
CA GLU D 64 25.32 11.33 -3.68
C GLU D 64 25.49 10.26 -4.77
N SER D 65 25.69 10.71 -6.00
CA SER D 65 26.00 9.84 -7.14
C SER D 65 25.07 8.65 -7.28
N MET D 66 23.76 8.92 -7.27
CA MET D 66 22.79 7.94 -7.61
C MET D 66 22.66 7.89 -9.09
N ASN D 67 22.87 6.69 -9.60
CA ASN D 67 22.80 6.38 -11.02
C ASN D 67 21.72 5.37 -11.33
N PHE D 68 20.78 5.69 -12.23
CA PHE D 68 19.79 4.71 -12.65
C PHE D 68 20.28 4.10 -13.97
N ILE D 69 20.67 2.83 -13.98
CA ILE D 69 21.38 2.28 -15.14
C ILE D 69 20.44 1.54 -16.08
N LYS D 70 19.59 0.72 -15.49
CA LYS D 70 18.68 -0.18 -16.22
C LYS D 70 17.39 -0.26 -15.42
N PRO D 71 16.29 -0.47 -16.15
CA PRO D 71 15.02 -0.64 -15.46
C PRO D 71 14.86 -1.98 -14.75
N ILE D 72 14.08 -1.98 -13.69
CA ILE D 72 13.60 -3.22 -13.03
C ILE D 72 12.21 -3.66 -13.58
N SER D 73 12.01 -4.94 -13.76
CA SER D 73 10.76 -5.43 -14.29
C SER D 73 10.04 -6.22 -13.22
N VAL D 74 8.72 -6.19 -13.29
CA VAL D 74 7.90 -7.05 -12.49
C VAL D 74 8.40 -8.51 -12.56
N GLY D 75 8.60 -9.11 -11.42
CA GLY D 75 8.98 -10.55 -11.35
C GLY D 75 10.51 -10.75 -11.20
N ASP D 76 11.26 -9.68 -11.37
CA ASP D 76 12.69 -9.72 -11.16
C ASP D 76 12.97 -9.90 -9.65
N VAL D 77 14.00 -10.67 -9.32
CA VAL D 77 14.48 -10.73 -7.94
C VAL D 77 15.39 -9.47 -7.79
N VAL D 78 15.21 -8.72 -6.72
CA VAL D 78 15.91 -7.51 -6.43
C VAL D 78 16.75 -7.64 -5.13
N CYS D 79 18.06 -7.47 -5.28
CA CYS D 79 19.00 -7.52 -4.14
C CYS D 79 19.69 -6.20 -4.03
N CYS D 80 19.88 -5.74 -2.80
CA CYS D 80 20.67 -4.57 -2.54
C CYS D 80 21.93 -5.00 -1.81
N TYR D 81 23.09 -4.56 -2.31
CA TYR D 81 24.43 -4.84 -1.74
C TYR D 81 25.06 -3.57 -1.24
N GLY D 82 25.86 -3.66 -0.18
CA GLY D 82 26.39 -2.46 0.41
C GLY D 82 27.84 -2.64 0.69
N GLN D 83 28.63 -1.61 0.42
CA GLN D 83 30.07 -1.60 0.73
C GLN D 83 30.33 -0.30 1.52
N CYS D 84 30.76 -0.43 2.79
CA CYS D 84 31.10 0.77 3.57
C CYS D 84 32.39 1.40 3.01
N LEU D 85 32.33 2.69 2.65
CA LEU D 85 33.44 3.41 2.10
C LEU D 85 34.22 4.24 3.12
N LYS D 86 33.55 4.69 4.16
CA LYS D 86 34.18 5.52 5.19
C LYS D 86 33.37 5.49 6.44
N VAL D 87 34.08 5.56 7.56
CA VAL D 87 33.50 5.64 8.90
C VAL D 87 34.20 6.76 9.61
N GLY D 88 33.41 7.71 10.09
CA GLY D 88 33.94 8.80 10.89
C GLY D 88 33.70 8.55 12.36
N ARG D 89 33.65 9.62 13.10
CA ARG D 89 33.30 9.50 14.49
C ARG D 89 31.88 8.90 14.58
N SER D 90 30.96 9.56 13.84
CA SER D 90 29.51 9.21 13.81
C SER D 90 28.94 8.86 12.44
N SER D 91 29.63 9.26 11.39
CA SER D 91 29.13 9.10 10.05
C SER D 91 29.65 7.81 9.41
N ILE D 92 28.74 7.22 8.62
CA ILE D 92 28.98 5.99 7.84
C ILE D 92 28.56 6.28 6.39
N LYS D 93 29.50 6.13 5.47
CA LYS D 93 29.19 6.18 4.04
C LYS D 93 29.17 4.80 3.40
N ILE D 94 28.07 4.48 2.73
CA ILE D 94 27.89 3.14 2.16
C ILE D 94 27.50 3.29 0.69
N LYS D 95 28.25 2.66 -0.22
CA LYS D 95 27.83 2.49 -1.61
C LYS D 95 26.77 1.36 -1.60
N VAL D 96 25.60 1.65 -2.14
CA VAL D 96 24.53 0.67 -2.28
C VAL D 96 24.40 0.38 -3.80
N GLU D 97 24.41 -0.89 -4.16
CA GLU D 97 24.22 -1.36 -5.52
C GLU D 97 22.92 -2.18 -5.52
N VAL D 98 22.07 -1.92 -6.52
CA VAL D 98 20.87 -2.74 -6.73
C VAL D 98 21.10 -3.67 -7.90
N TRP D 99 20.89 -4.97 -7.67
CA TRP D 99 21.12 -6.02 -8.68
C TRP D 99 19.82 -6.76 -8.90
N VAL D 100 19.57 -7.16 -10.14
CA VAL D 100 18.45 -8.00 -10.44
C VAL D 100 18.94 -9.34 -10.91
N LYS D 101 18.12 -10.36 -10.61
CA LYS D 101 18.28 -11.74 -11.12
C LYS D 101 16.96 -12.21 -11.77
N LYS D 102 17.05 -12.61 -13.02
CA LYS D 102 15.96 -13.22 -13.74
C LYS D 102 15.87 -14.70 -13.32
N VAL D 103 14.80 -15.04 -12.59
CA VAL D 103 14.57 -16.43 -12.19
C VAL D 103 13.42 -17.12 -12.91
N ALA D 104 12.44 -16.32 -13.32
CA ALA D 104 11.25 -16.86 -13.97
C ALA D 104 10.88 -16.08 -15.21
N SER D 105 11.85 -15.35 -15.76
CA SER D 105 11.67 -14.69 -17.08
C SER D 105 12.99 -14.74 -17.82
N GLU D 106 12.92 -14.54 -19.14
CA GLU D 106 14.11 -14.70 -19.97
C GLU D 106 14.99 -13.44 -19.97
N PRO D 107 16.31 -13.64 -20.01
CA PRO D 107 16.95 -14.94 -20.00
C PRO D 107 17.21 -15.40 -18.55
N ILE D 108 16.88 -16.66 -18.28
CA ILE D 108 16.96 -17.25 -16.93
C ILE D 108 18.41 -17.21 -16.38
N GLY D 109 18.58 -16.73 -15.15
CA GLY D 109 19.88 -16.76 -14.50
C GLY D 109 20.71 -15.49 -14.66
N GLU D 110 20.28 -14.63 -15.57
CA GLU D 110 20.94 -13.36 -15.83
C GLU D 110 20.88 -12.44 -14.64
N ARG D 111 22.03 -11.88 -14.26
CA ARG D 111 22.10 -10.94 -13.15
C ARG D 111 22.90 -9.73 -13.58
N TYR D 112 22.47 -8.55 -13.11
CA TYR D 112 23.18 -7.31 -13.43
C TYR D 112 22.77 -6.18 -12.48
N CYS D 113 23.68 -5.23 -12.36
CA CYS D 113 23.48 -4.05 -11.54
C CYS D 113 22.54 -3.08 -12.29
N VAL D 114 21.50 -2.64 -11.61
CA VAL D 114 20.51 -1.75 -12.24
C VAL D 114 20.58 -0.30 -11.73
N THR D 115 21.04 -0.16 -10.50
CA THR D 115 21.08 1.16 -9.79
C THR D 115 22.21 1.16 -8.76
N ASP D 116 22.85 2.32 -8.56
CA ASP D 116 23.77 2.51 -7.46
C ASP D 116 23.70 3.93 -6.85
N ALA D 117 24.31 4.06 -5.69
CA ALA D 117 24.36 5.33 -4.98
C ALA D 117 25.25 5.24 -3.75
N VAL D 118 25.63 6.40 -3.21
CA VAL D 118 26.36 6.42 -1.96
C VAL D 118 25.54 7.15 -0.96
N PHE D 119 25.17 6.44 0.09
CA PHE D 119 24.37 6.98 1.22
C PHE D 119 25.28 7.33 2.41
N THR D 120 24.93 8.39 3.12
CA THR D 120 25.57 8.76 4.37
C THR D 120 24.54 8.71 5.53
N PHE D 121 24.92 8.01 6.58
CA PHE D 121 24.14 7.83 7.78
C PHE D 121 24.94 8.38 8.95
N VAL D 122 24.23 8.81 9.98
CA VAL D 122 24.86 9.30 11.17
C VAL D 122 24.29 8.52 12.34
N ALA D 123 25.18 7.91 13.11
CA ALA D 123 24.81 7.32 14.40
C ALA D 123 24.18 8.31 15.37
N VAL D 124 22.99 7.97 15.89
CA VAL D 124 22.29 8.85 16.84
C VAL D 124 21.77 8.17 18.12
N ASP D 125 21.60 8.98 19.14
CA ASP D 125 21.00 8.49 20.37
C ASP D 125 19.43 8.55 20.32
N ASN D 126 18.81 8.31 21.47
CA ASN D 126 17.35 8.29 21.56
C ASN D 126 16.74 9.69 21.34
N ASN D 127 17.51 10.72 21.63
CA ASN D 127 17.12 12.09 21.37
C ASN D 127 17.40 12.59 19.95
N GLY D 128 17.94 11.71 19.09
CA GLY D 128 18.39 12.05 17.75
C GLY D 128 19.63 12.93 17.69
N ARG D 129 20.43 12.92 18.74
CA ARG D 129 21.72 13.61 18.76
C ARG D 129 22.80 12.61 18.36
N SER D 130 23.84 13.07 17.66
CA SER D 130 24.88 12.16 17.11
C SER D 130 25.58 11.47 18.27
N ARG D 131 25.97 10.22 18.08
CA ARG D 131 26.76 9.53 19.05
C ARG D 131 27.96 8.90 18.38
N THR D 132 28.94 8.58 19.19
CA THR D 132 30.16 7.98 18.67
C THR D 132 29.92 6.50 18.38
N ILE D 133 30.26 6.06 17.19
CA ILE D 133 30.30 4.64 16.82
C ILE D 133 31.34 3.94 17.71
N PRO D 134 30.91 2.89 18.46
CA PRO D 134 31.77 2.23 19.45
C PRO D 134 32.92 1.52 18.75
N ARG D 135 34.13 1.81 19.21
CA ARG D 135 35.33 1.14 18.73
C ARG D 135 35.58 -0.10 19.50
N GLU D 136 34.94 -0.24 20.66
CA GLU D 136 35.14 -1.40 21.49
C GLU D 136 34.15 -2.46 21.03
N ASN D 137 34.59 -3.72 21.05
CA ASN D 137 33.74 -4.88 20.83
C ASN D 137 32.86 -4.80 19.59
N ASN D 138 33.46 -4.35 18.51
CA ASN D 138 32.76 -4.05 17.29
C ASN D 138 33.38 -4.73 16.07
N GLN D 139 32.99 -5.99 15.85
CA GLN D 139 33.51 -6.69 14.67
C GLN D 139 32.91 -6.27 13.37
N GLU D 140 31.73 -5.64 13.41
CA GLU D 140 31.15 -5.03 12.21
C GLU D 140 32.03 -3.89 11.66
N LEU D 141 32.43 -3.01 12.57
CA LEU D 141 33.34 -1.96 12.22
C LEU D 141 34.71 -2.50 11.79
N GLU D 142 35.25 -3.52 12.50
CA GLU D 142 36.53 -4.14 12.13
C GLU D 142 36.50 -4.70 10.70
N LYS D 143 35.39 -5.33 10.35
CA LYS D 143 35.21 -5.89 9.00
C LYS D 143 35.13 -4.78 7.94
N ALA D 144 34.40 -3.73 8.24
CA ALA D 144 34.23 -2.62 7.30
C ALA D 144 35.57 -1.87 7.07
N LEU D 145 36.36 -1.72 8.11
CA LEU D 145 37.66 -1.05 7.99
C LEU D 145 38.68 -1.91 7.25
N ALA D 146 38.57 -3.23 7.36
CA ALA D 146 39.48 -4.15 6.69
C ALA D 146 39.19 -4.20 5.19
N LEU D 147 37.91 -4.17 4.85
CA LEU D 147 37.52 -4.12 3.46
C LEU D 147 38.00 -2.78 2.84
N ILE D 148 37.85 -1.68 3.57
CA ILE D 148 38.34 -0.39 3.12
C ILE D 148 39.85 -0.40 2.94
N SER D 149 40.54 -1.06 3.86
CA SER D 149 42.00 -1.21 3.71
C SER D 149 42.40 -2.01 2.43
N GLU D 150 41.54 -2.90 1.95
CA GLU D 150 41.82 -3.66 0.71
C GLU D 150 41.63 -2.82 -0.58
N GLN D 151 41.01 -1.66 -0.42
CA GLN D 151 40.93 -0.63 -1.46
C GLN D 151 41.86 0.54 -1.09
N SER E 12 -34.07 -3.51 6.19
CA SER E 12 -33.53 -2.90 7.46
C SER E 12 -32.14 -2.33 7.22
N LYS E 13 -31.14 -3.21 7.08
CA LYS E 13 -29.78 -2.79 6.70
C LYS E 13 -29.59 -2.87 5.18
N GLY E 14 -30.32 -3.82 4.54
CA GLY E 14 -30.04 -4.29 3.18
C GLY E 14 -29.14 -5.54 3.19
N VAL E 15 -28.45 -5.81 2.08
CA VAL E 15 -27.59 -6.99 1.94
C VAL E 15 -26.12 -6.65 2.24
N LEU E 16 -25.38 -7.65 2.70
CA LEU E 16 -23.96 -7.45 3.03
C LEU E 16 -23.13 -7.39 1.72
N LEU E 17 -22.45 -6.26 1.53
CA LEU E 17 -21.63 -5.95 0.38
C LEU E 17 -20.18 -6.32 0.63
N LEU E 18 -19.70 -5.98 1.82
CA LEU E 18 -18.31 -6.05 2.13
C LEU E 18 -18.11 -6.20 3.66
N ARG E 19 -17.05 -6.91 4.01
CA ARG E 19 -16.69 -7.17 5.39
C ARG E 19 -15.17 -7.34 5.46
N THR E 20 -14.60 -6.57 6.34
CA THR E 20 -13.15 -6.49 6.54
C THR E 20 -12.76 -5.99 7.93
N LEU E 21 -11.46 -6.00 8.23
CA LEU E 21 -10.93 -5.50 9.50
C LEU E 21 -10.22 -4.16 9.32
N ALA E 22 -10.48 -3.19 10.18
CA ALA E 22 -9.75 -1.91 10.14
C ALA E 22 -8.30 -2.14 10.60
N MET E 23 -7.36 -1.73 9.74
CA MET E 23 -5.91 -1.94 9.95
C MET E 23 -5.18 -0.64 10.24
N PRO E 24 -4.05 -0.71 11.00
CA PRO E 24 -3.29 0.53 11.25
C PRO E 24 -2.79 1.28 10.00
N SER E 25 -2.49 0.58 8.91
CA SER E 25 -2.02 1.29 7.70
C SER E 25 -3.05 2.33 7.23
N ASP E 26 -4.31 2.17 7.63
CA ASP E 26 -5.37 3.07 7.15
C ASP E 26 -5.85 4.15 8.08
N THR E 27 -4.98 4.50 9.02
CA THR E 27 -5.26 5.51 10.03
C THR E 27 -4.98 6.93 9.53
N ASN E 28 -5.65 7.88 10.16
CA ASN E 28 -5.34 9.28 9.95
C ASN E 28 -4.40 9.75 11.03
N ALA E 29 -4.03 11.03 10.96
CA ALA E 29 -3.18 11.69 11.95
C ALA E 29 -3.81 11.81 13.35
N ASN E 30 -5.14 11.77 13.46
CA ASN E 30 -5.82 11.65 14.78
C ASN E 30 -5.73 10.21 15.34
N GLY E 31 -5.37 9.23 14.55
CA GLY E 31 -5.24 7.85 15.05
C GLY E 31 -6.46 6.98 14.77
N ASP E 32 -7.51 7.58 14.24
CA ASP E 32 -8.71 6.86 13.82
C ASP E 32 -8.56 6.40 12.39
N ILE E 33 -9.49 5.59 11.89
CA ILE E 33 -9.46 5.20 10.50
C ILE E 33 -9.76 6.41 9.60
N PHE E 34 -8.95 6.54 8.54
CA PHE E 34 -9.06 7.61 7.58
C PHE E 34 -10.40 7.55 6.81
N GLY E 35 -11.10 8.69 6.78
CA GLY E 35 -12.39 8.82 6.08
C GLY E 35 -12.30 8.45 4.61
N GLY E 36 -11.16 8.70 3.98
CA GLY E 36 -10.94 8.30 2.56
C GLY E 36 -11.02 6.78 2.39
N TRP E 37 -10.57 6.02 3.39
CA TRP E 37 -10.62 4.56 3.33
C TRP E 37 -12.05 4.07 3.47
N ILE E 38 -12.77 4.69 4.39
CA ILE E 38 -14.18 4.40 4.55
C ILE E 38 -14.94 4.66 3.25
N MET E 39 -14.71 5.82 2.62
CA MET E 39 -15.41 6.14 1.36
C MET E 39 -15.08 5.10 0.26
N SER E 40 -13.81 4.69 0.26
CA SER E 40 -13.33 3.62 -0.62
C SER E 40 -14.03 2.29 -0.44
N GLN E 41 -14.21 1.87 0.84
CA GLN E 41 -14.93 0.62 1.11
C GLN E 41 -16.36 0.72 0.59
N MET E 42 -16.97 1.88 0.81
CA MET E 42 -18.38 2.11 0.42
C MET E 42 -18.55 2.02 -1.11
N ALA E 43 -17.60 2.63 -1.83
CA ALA E 43 -17.63 2.62 -3.28
C ALA E 43 -17.43 1.22 -3.82
N MET E 44 -16.47 0.47 -3.28
CA MET E 44 -16.22 -0.92 -3.67
C MET E 44 -17.41 -1.83 -3.39
N GLY E 45 -17.97 -1.74 -2.19
CA GLY E 45 -19.07 -2.64 -1.81
C GLY E 45 -20.31 -2.32 -2.64
N GLY E 46 -20.62 -1.03 -2.82
CA GLY E 46 -21.77 -0.62 -3.59
C GLY E 46 -21.64 -1.01 -5.06
N ALA E 47 -20.43 -0.89 -5.62
CA ALA E 47 -20.18 -1.31 -6.99
C ALA E 47 -20.41 -2.82 -7.20
N ILE E 48 -20.17 -3.65 -6.18
CA ILE E 48 -20.38 -5.07 -6.31
C ILE E 48 -21.88 -5.32 -6.56
N LEU E 49 -22.71 -4.78 -5.69
CA LEU E 49 -24.16 -4.83 -5.89
C LEU E 49 -24.59 -4.23 -7.22
N ALA E 50 -24.09 -3.07 -7.56
CA ALA E 50 -24.40 -2.50 -8.84
C ALA E 50 -24.01 -3.43 -10.01
N LYS E 51 -22.83 -4.02 -9.93
CA LYS E 51 -22.38 -4.96 -10.93
C LYS E 51 -23.27 -6.23 -11.03
N GLU E 52 -23.71 -6.75 -9.90
CA GLU E 52 -24.57 -7.90 -9.91
C GLU E 52 -25.89 -7.58 -10.66
N ILE E 53 -26.49 -6.46 -10.31
CA ILE E 53 -27.74 -6.00 -10.99
C ILE E 53 -27.48 -5.69 -12.45
N ALA E 54 -26.32 -5.09 -12.74
CA ALA E 54 -26.05 -4.60 -14.11
C ALA E 54 -25.58 -5.68 -15.07
N HIS E 55 -25.34 -6.86 -14.52
CA HIS E 55 -24.78 -7.99 -15.26
C HIS E 55 -23.48 -7.59 -15.93
N GLY E 56 -22.71 -6.72 -15.26
CA GLY E 56 -21.38 -6.43 -15.77
C GLY E 56 -20.77 -5.19 -15.14
N ARG E 57 -19.85 -4.58 -15.90
CA ARG E 57 -19.07 -3.42 -15.45
C ARG E 57 -19.93 -2.21 -15.14
N VAL E 58 -19.54 -1.48 -14.11
CA VAL E 58 -20.11 -0.19 -13.76
C VAL E 58 -19.03 0.83 -13.41
N VAL E 59 -19.44 2.10 -13.38
CA VAL E 59 -18.61 3.20 -12.87
C VAL E 59 -19.41 3.95 -11.85
N THR E 60 -18.72 4.60 -10.89
CA THR E 60 -19.38 5.46 -9.91
C THR E 60 -19.55 6.81 -10.57
N VAL E 61 -20.75 7.34 -10.51
CA VAL E 61 -21.00 8.69 -11.04
C VAL E 61 -21.37 9.75 -9.99
N ALA E 62 -21.89 9.33 -8.84
CA ALA E 62 -22.36 10.29 -7.86
C ALA E 62 -22.48 9.72 -6.44
N VAL E 63 -22.35 10.63 -5.47
CA VAL E 63 -22.61 10.39 -4.05
C VAL E 63 -23.42 11.56 -3.55
N GLU E 64 -24.46 11.25 -2.78
CA GLU E 64 -25.17 12.26 -2.03
C GLU E 64 -25.36 11.79 -0.61
N SER E 65 -25.52 12.77 0.26
CA SER E 65 -25.94 12.56 1.64
C SER E 65 -25.05 11.63 2.39
N MET E 66 -23.73 11.84 2.23
CA MET E 66 -22.74 11.14 2.99
C MET E 66 -22.60 11.74 4.39
N ASN E 67 -22.78 10.90 5.43
CA ASN E 67 -22.76 11.33 6.82
C ASN E 67 -21.73 10.52 7.56
N PHE E 68 -20.79 11.18 8.23
CA PHE E 68 -19.85 10.46 9.11
C PHE E 68 -20.41 10.58 10.48
N ILE E 69 -20.75 9.44 11.06
CA ILE E 69 -21.49 9.39 12.33
C ILE E 69 -20.59 9.24 13.54
N LYS E 70 -19.75 8.23 13.50
CA LYS E 70 -18.73 7.93 14.53
C LYS E 70 -17.43 7.48 13.86
N PRO E 71 -16.29 7.64 14.57
CA PRO E 71 -15.07 7.12 13.97
C PRO E 71 -14.95 5.60 14.01
N ILE E 72 -14.16 5.09 13.10
CA ILE E 72 -13.75 3.70 13.15
C ILE E 72 -12.36 3.61 13.76
N SER E 73 -12.17 2.54 14.56
CA SER E 73 -10.95 2.28 15.28
C SER E 73 -10.27 1.10 14.69
N VAL E 74 -8.93 1.14 14.80
CA VAL E 74 -8.13 -0.01 14.50
C VAL E 74 -8.66 -1.27 15.21
N GLY E 75 -8.82 -2.38 14.46
CA GLY E 75 -9.27 -3.62 15.06
C GLY E 75 -10.78 -3.82 15.07
N ASP E 76 -11.54 -2.79 14.75
CA ASP E 76 -13.00 -2.90 14.47
C ASP E 76 -13.25 -3.79 13.24
N VAL E 77 -14.32 -4.57 13.31
CA VAL E 77 -14.80 -5.30 12.15
C VAL E 77 -15.68 -4.29 11.41
N VAL E 78 -15.47 -4.18 10.13
CA VAL E 78 -16.19 -3.17 9.33
C VAL E 78 -16.99 -3.87 8.23
N CYS E 79 -18.29 -3.62 8.19
CA CYS E 79 -19.22 -4.17 7.19
C CYS E 79 -19.90 -3.07 6.44
N CYS E 80 -20.00 -3.22 5.13
CA CYS E 80 -20.86 -2.37 4.34
C CYS E 80 -22.11 -3.17 3.91
N TYR E 81 -23.24 -2.53 4.09
CA TYR E 81 -24.55 -3.04 3.66
C TYR E 81 -25.17 -2.13 2.60
N GLY E 82 -25.97 -2.71 1.71
CA GLY E 82 -26.49 -1.97 0.56
C GLY E 82 -27.94 -2.24 0.29
N GLN E 83 -28.66 -1.18 -0.08
CA GLN E 83 -30.04 -1.32 -0.49
C GLN E 83 -30.25 -0.53 -1.77
N CYS E 84 -30.62 -1.21 -2.85
CA CYS E 84 -30.88 -0.53 -4.10
C CYS E 84 -32.22 0.23 -3.99
N LEU E 85 -32.15 1.51 -4.32
CA LEU E 85 -33.29 2.39 -4.20
C LEU E 85 -33.95 2.64 -5.52
N LYS E 86 -33.18 2.61 -6.60
CA LYS E 86 -33.69 2.93 -7.91
C LYS E 86 -32.84 2.34 -9.01
N VAL E 87 -33.47 1.86 -10.07
CA VAL E 87 -32.78 1.41 -11.28
C VAL E 87 -33.38 2.09 -12.50
N GLY E 88 -32.50 2.69 -13.32
CA GLY E 88 -32.87 3.31 -14.58
C GLY E 88 -32.51 2.42 -15.75
N ARG E 89 -32.34 3.04 -16.92
CA ARG E 89 -31.84 2.34 -18.10
C ARG E 89 -30.44 1.76 -17.82
N SER E 90 -29.52 2.62 -17.37
CA SER E 90 -28.14 2.25 -17.02
C SER E 90 -27.73 2.55 -15.58
N SER E 91 -28.49 3.41 -14.89
CA SER E 91 -28.14 3.84 -13.55
C SER E 91 -28.72 2.98 -12.42
N ILE E 92 -27.98 2.94 -11.31
CA ILE E 92 -28.31 2.16 -10.13
C ILE E 92 -27.96 2.98 -8.90
N LYS E 93 -28.98 3.30 -8.12
CA LYS E 93 -28.85 4.09 -6.90
C LYS E 93 -28.89 3.15 -5.70
N ILE E 94 -27.90 3.24 -4.85
CA ILE E 94 -27.71 2.29 -3.77
C ILE E 94 -27.37 3.09 -2.50
N LYS E 95 -28.18 2.90 -1.45
CA LYS E 95 -27.80 3.38 -0.13
C LYS E 95 -26.84 2.39 0.56
N VAL E 96 -25.70 2.91 1.00
CA VAL E 96 -24.63 2.15 1.63
C VAL E 96 -24.49 2.61 3.09
N GLU E 97 -24.55 1.66 4.02
CA GLU E 97 -24.32 1.90 5.42
C GLU E 97 -23.06 1.13 5.80
N VAL E 98 -22.19 1.81 6.53
CA VAL E 98 -21.05 1.18 7.12
C VAL E 98 -21.33 0.97 8.62
N TRP E 99 -21.16 -0.26 9.05
CA TRP E 99 -21.32 -0.67 10.44
C TRP E 99 -20.03 -1.23 10.99
N VAL E 100 -19.77 -0.97 12.26
CA VAL E 100 -18.73 -1.67 13.00
C VAL E 100 -19.27 -2.64 14.04
N LYS E 101 -18.45 -3.64 14.33
CA LYS E 101 -18.66 -4.51 15.44
C LYS E 101 -17.35 -4.58 16.20
N LYS E 102 -17.47 -4.38 17.52
CA LYS E 102 -16.38 -4.56 18.45
C LYS E 102 -16.25 -6.06 18.80
N VAL E 103 -15.12 -6.67 18.46
CA VAL E 103 -14.87 -8.11 18.76
C VAL E 103 -13.66 -8.33 19.69
N ALA E 104 -12.73 -7.37 19.65
CA ALA E 104 -11.50 -7.43 20.43
C ALA E 104 -11.16 -6.10 21.15
N SER E 105 -12.17 -5.26 21.37
CA SER E 105 -12.05 -4.00 22.13
C SER E 105 -13.37 -3.81 22.82
N GLU E 106 -13.32 -3.06 23.91
CA GLU E 106 -14.50 -2.82 24.72
C GLU E 106 -15.42 -1.77 24.07
N PRO E 107 -16.73 -1.93 24.22
CA PRO E 107 -17.46 -3.08 24.77
C PRO E 107 -17.72 -4.20 23.74
N ILE E 108 -17.48 -5.47 24.14
CA ILE E 108 -17.50 -6.59 23.21
C ILE E 108 -18.88 -6.87 22.68
N GLY E 109 -18.99 -7.03 21.36
CA GLY E 109 -20.26 -7.37 20.72
C GLY E 109 -21.06 -6.17 20.25
N GLU E 110 -20.70 -5.00 20.75
CA GLU E 110 -21.32 -3.77 20.32
C GLU E 110 -21.23 -3.57 18.81
N ARG E 111 -22.36 -3.21 18.20
CA ARG E 111 -22.46 -2.88 16.78
C ARG E 111 -23.22 -1.57 16.57
N TYR E 112 -22.78 -0.77 15.60
CA TYR E 112 -23.46 0.49 15.29
C TYR E 112 -23.01 1.00 13.91
N CYS E 113 -23.83 1.89 13.34
CA CYS E 113 -23.60 2.46 12.02
C CYS E 113 -22.73 3.67 12.22
N VAL E 114 -21.65 3.74 11.43
CA VAL E 114 -20.63 4.78 11.58
C VAL E 114 -20.62 5.77 10.39
N THR E 115 -21.14 5.33 9.25
CA THR E 115 -21.19 6.14 8.04
C THR E 115 -22.34 5.67 7.20
N ASP E 116 -22.96 6.58 6.44
CA ASP E 116 -23.82 6.18 5.36
C ASP E 116 -23.77 7.17 4.20
N ALA E 117 -24.38 6.80 3.07
CA ALA E 117 -24.32 7.60 1.85
C ALA E 117 -25.22 6.98 0.81
N VAL E 118 -25.57 7.77 -0.20
CA VAL E 118 -26.25 7.25 -1.38
C VAL E 118 -25.37 7.39 -2.60
N PHE E 119 -25.08 6.24 -3.20
CA PHE E 119 -24.19 6.11 -4.35
C PHE E 119 -25.00 5.85 -5.61
N THR E 120 -24.57 6.46 -6.71
CA THR E 120 -25.10 6.16 -8.02
C THR E 120 -24.00 5.61 -8.91
N PHE E 121 -24.32 4.46 -9.50
CA PHE E 121 -23.49 3.79 -10.48
C PHE E 121 -24.19 3.74 -11.82
N VAL E 122 -23.39 3.69 -12.89
CA VAL E 122 -23.87 3.59 -14.26
C VAL E 122 -23.23 2.35 -14.90
N ALA E 123 -24.07 1.49 -15.46
CA ALA E 123 -23.66 0.34 -16.25
C ALA E 123 -22.90 0.81 -17.51
N VAL E 124 -21.68 0.30 -17.71
CA VAL E 124 -20.88 0.66 -18.89
C VAL E 124 -20.32 -0.57 -19.64
N ASP E 125 -19.97 -0.38 -20.90
CA ASP E 125 -19.33 -1.42 -21.71
C ASP E 125 -17.79 -1.36 -21.53
N ASN E 126 -17.05 -2.15 -22.30
CA ASN E 126 -15.58 -2.21 -22.15
C ASN E 126 -14.85 -0.93 -22.60
N ASN E 127 -15.56 -0.08 -23.34
CA ASN E 127 -15.03 1.23 -23.75
C ASN E 127 -15.46 2.38 -22.84
N GLY E 128 -16.09 2.06 -21.71
CA GLY E 128 -16.57 3.08 -20.77
C GLY E 128 -17.83 3.81 -21.20
N ARG E 129 -18.55 3.28 -22.17
CA ARG E 129 -19.81 3.91 -22.57
C ARG E 129 -20.98 3.22 -21.85
N SER E 130 -21.95 4.01 -21.43
CA SER E 130 -23.12 3.51 -20.72
C SER E 130 -23.84 2.49 -21.61
N ARG E 131 -24.40 1.49 -20.95
CA ARG E 131 -25.16 0.46 -21.61
C ARG E 131 -26.43 0.19 -20.83
N THR E 132 -27.39 -0.44 -21.48
CA THR E 132 -28.66 -0.78 -20.82
C THR E 132 -28.54 -2.03 -19.96
N ILE E 133 -28.97 -1.90 -18.70
CA ILE E 133 -29.08 -3.02 -17.82
C ILE E 133 -30.11 -4.00 -18.42
N PRO E 134 -29.70 -5.24 -18.75
CA PRO E 134 -30.66 -6.15 -19.37
C PRO E 134 -31.84 -6.51 -18.44
N ARG E 135 -33.04 -6.39 -18.97
CA ARG E 135 -34.26 -6.86 -18.31
C ARG E 135 -34.52 -8.39 -18.50
N GLU E 136 -33.91 -8.97 -19.53
CA GLU E 136 -34.10 -10.38 -19.84
C GLU E 136 -33.15 -11.22 -18.99
N ASN E 137 -33.68 -12.28 -18.40
CA ASN E 137 -32.87 -13.28 -17.69
C ASN E 137 -31.97 -12.61 -16.67
N ASN E 138 -32.54 -11.74 -15.85
CA ASN E 138 -31.74 -11.00 -14.85
C ASN E 138 -32.40 -11.07 -13.47
N GLN E 139 -32.04 -12.08 -12.70
CA GLN E 139 -32.73 -12.28 -11.43
C GLN E 139 -32.20 -11.40 -10.30
N GLU E 140 -31.03 -10.81 -10.50
CA GLU E 140 -30.47 -9.84 -9.55
C GLU E 140 -31.28 -8.51 -9.58
N LEU E 141 -31.57 -8.07 -10.80
CA LEU E 141 -32.53 -6.96 -11.01
C LEU E 141 -33.91 -7.25 -10.43
N GLU E 142 -34.45 -8.42 -10.73
CA GLU E 142 -35.74 -8.86 -10.25
C GLU E 142 -35.78 -8.76 -8.72
N LYS E 143 -34.73 -9.29 -8.10
CA LYS E 143 -34.57 -9.22 -6.65
C LYS E 143 -34.60 -7.78 -6.11
N ALA E 144 -33.84 -6.88 -6.73
CA ALA E 144 -33.77 -5.47 -6.30
C ALA E 144 -35.08 -4.71 -6.49
N LEU E 145 -35.76 -4.93 -7.63
CA LEU E 145 -37.06 -4.28 -7.87
C LEU E 145 -38.12 -4.82 -6.94
N ALA E 146 -37.99 -6.08 -6.52
CA ALA E 146 -38.87 -6.65 -5.50
C ALA E 146 -38.84 -5.84 -4.21
N LEU E 147 -37.64 -5.57 -3.71
CA LEU E 147 -37.50 -4.83 -2.46
C LEU E 147 -37.95 -3.37 -2.61
N ILE E 148 -37.66 -2.76 -3.76
CA ILE E 148 -38.12 -1.40 -4.05
C ILE E 148 -39.66 -1.32 -4.04
N SER E 149 -40.28 -2.35 -4.62
CA SER E 149 -41.75 -2.49 -4.66
C SER E 149 -42.37 -2.26 -3.27
N GLU E 150 -41.69 -2.76 -2.24
CA GLU E 150 -42.15 -2.69 -0.86
C GLU E 150 -42.19 -1.27 -0.24
N GLN E 151 -41.25 -0.39 -0.60
CA GLN E 151 -41.29 1.02 -0.12
C GLN E 151 -41.39 1.09 1.42
N ARG F 10 -14.55 26.12 -19.07
CA ARG F 10 -14.38 26.00 -17.59
C ARG F 10 -12.92 26.21 -17.19
N GLN F 11 -12.69 26.99 -16.14
CA GLN F 11 -11.37 27.18 -15.53
C GLN F 11 -11.49 26.89 -14.03
N SER F 12 -10.38 26.50 -13.41
CA SER F 12 -10.40 26.00 -12.02
C SER F 12 -10.80 27.09 -11.02
N LYS F 13 -11.61 26.71 -10.05
CA LYS F 13 -12.05 27.64 -9.03
C LYS F 13 -11.54 27.10 -7.70
N GLY F 14 -11.16 28.03 -6.83
CA GLY F 14 -10.57 27.75 -5.54
C GLY F 14 -9.05 27.91 -5.52
N VAL F 15 -8.46 27.62 -4.38
CA VAL F 15 -7.00 27.59 -4.25
C VAL F 15 -6.50 26.14 -4.38
N LEU F 16 -5.28 25.98 -4.89
CA LEU F 16 -4.67 24.65 -5.02
C LEU F 16 -4.48 24.02 -3.65
N LEU F 17 -5.08 22.83 -3.47
CA LEU F 17 -5.04 22.04 -2.23
C LEU F 17 -3.97 20.95 -2.29
N LEU F 18 -3.99 20.20 -3.39
CA LEU F 18 -3.21 18.99 -3.54
C LEU F 18 -2.83 18.84 -4.98
N ARG F 19 -1.63 18.33 -5.21
CA ARG F 19 -1.20 17.96 -6.55
C ARG F 19 -0.38 16.66 -6.46
N THR F 20 -0.78 15.69 -7.26
CA THR F 20 -0.06 14.41 -7.33
C THR F 20 -0.09 13.76 -8.73
N LEU F 21 0.59 12.62 -8.86
CA LEU F 21 0.54 11.86 -10.10
C LEU F 21 -0.34 10.65 -9.90
N ALA F 22 -1.20 10.34 -10.85
CA ALA F 22 -1.98 9.11 -10.78
C ALA F 22 -1.09 7.88 -11.12
N MET F 23 -1.06 6.91 -10.19
CA MET F 23 -0.14 5.76 -10.27
C MET F 23 -0.91 4.44 -10.55
N PRO F 24 -0.26 3.45 -11.19
CA PRO F 24 -0.85 2.12 -11.42
C PRO F 24 -1.46 1.39 -10.21
N SER F 25 -0.86 1.54 -9.02
CA SER F 25 -1.41 0.90 -7.83
C SER F 25 -2.79 1.43 -7.48
N ASP F 26 -3.19 2.58 -8.00
CA ASP F 26 -4.51 3.13 -7.65
C ASP F 26 -5.57 2.93 -8.66
N THR F 27 -5.40 1.90 -9.47
CA THR F 27 -6.36 1.64 -10.54
C THR F 27 -7.46 0.69 -10.03
N ASN F 28 -8.59 0.79 -10.72
CA ASN F 28 -9.69 -0.11 -10.52
C ASN F 28 -9.64 -1.29 -11.50
N ALA F 29 -10.65 -2.15 -11.43
CA ALA F 29 -10.74 -3.33 -12.26
C ALA F 29 -11.15 -2.93 -13.68
N ASN F 30 -11.66 -1.71 -13.89
CA ASN F 30 -11.82 -1.22 -15.29
C ASN F 30 -10.48 -0.75 -15.92
N GLY F 31 -9.43 -0.54 -15.11
CA GLY F 31 -8.13 -0.01 -15.57
C GLY F 31 -7.95 1.52 -15.45
N ASP F 32 -9.05 2.19 -15.09
CA ASP F 32 -9.01 3.61 -14.74
C ASP F 32 -8.63 3.81 -13.27
N ILE F 33 -8.49 5.06 -12.89
CA ILE F 33 -8.20 5.34 -11.49
C ILE F 33 -9.46 5.15 -10.63
N PHE F 34 -9.27 4.42 -9.53
CA PHE F 34 -10.34 4.08 -8.57
C PHE F 34 -10.99 5.33 -7.94
N GLY F 35 -12.32 5.37 -7.94
CA GLY F 35 -13.12 6.46 -7.34
C GLY F 35 -12.78 6.68 -5.85
N GLY F 36 -12.41 5.60 -5.15
CA GLY F 36 -12.00 5.57 -3.73
C GLY F 36 -10.80 6.46 -3.54
N TRP F 37 -9.85 6.33 -4.47
CA TRP F 37 -8.64 7.15 -4.43
C TRP F 37 -8.91 8.63 -4.67
N ILE F 38 -9.79 8.91 -5.61
CA ILE F 38 -10.25 10.28 -5.94
C ILE F 38 -10.92 10.93 -4.73
N MET F 39 -11.83 10.20 -4.10
CA MET F 39 -12.50 10.68 -2.88
C MET F 39 -11.52 10.96 -1.73
N SER F 40 -10.56 10.05 -1.58
CA SER F 40 -9.48 10.21 -0.62
C SER F 40 -8.65 11.46 -0.87
N GLN F 41 -8.26 11.71 -2.12
CA GLN F 41 -7.58 13.00 -2.46
C GLN F 41 -8.40 14.24 -2.06
N MET F 42 -9.69 14.24 -2.40
CA MET F 42 -10.59 15.33 -2.14
C MET F 42 -10.69 15.59 -0.62
N ALA F 43 -10.81 14.51 0.14
CA ALA F 43 -10.92 14.57 1.59
C ALA F 43 -9.65 15.12 2.21
N MET F 44 -8.50 14.64 1.74
CA MET F 44 -7.24 15.13 2.24
C MET F 44 -7.06 16.61 1.94
N GLY F 45 -7.38 16.99 0.71
CA GLY F 45 -7.11 18.33 0.24
C GLY F 45 -8.03 19.31 0.92
N GLY F 46 -9.32 19.04 0.87
CA GLY F 46 -10.28 19.85 1.59
C GLY F 46 -10.00 20.05 3.09
N ALA F 47 -9.62 18.96 3.77
CA ALA F 47 -9.24 19.03 5.18
C ALA F 47 -8.05 19.98 5.42
N ILE F 48 -7.06 19.97 4.50
CA ILE F 48 -5.92 20.91 4.62
C ILE F 48 -6.41 22.37 4.73
N LEU F 49 -7.24 22.80 3.76
CA LEU F 49 -7.83 24.13 3.78
C LEU F 49 -8.69 24.40 5.00
N ALA F 50 -9.50 23.43 5.39
CA ALA F 50 -10.28 23.50 6.64
C ALA F 50 -9.41 23.74 7.85
N LYS F 51 -8.35 22.95 8.01
CA LYS F 51 -7.40 23.10 9.15
C LYS F 51 -6.70 24.47 9.13
N GLU F 52 -6.36 24.96 7.93
CA GLU F 52 -5.75 26.26 7.74
C GLU F 52 -6.69 27.32 8.30
N ILE F 53 -7.98 27.26 7.92
CA ILE F 53 -8.95 28.25 8.42
C ILE F 53 -9.26 28.06 9.91
N ALA F 54 -9.49 26.81 10.30
CA ALA F 54 -9.74 26.46 11.70
C ALA F 54 -8.56 26.67 12.65
N HIS F 55 -7.37 26.99 12.12
CA HIS F 55 -6.17 27.07 12.94
C HIS F 55 -5.95 25.83 13.82
N GLY F 56 -6.15 24.66 13.23
CA GLY F 56 -5.91 23.39 13.91
C GLY F 56 -6.72 22.23 13.34
N ARG F 57 -6.77 21.15 14.13
CA ARG F 57 -7.47 19.90 13.85
C ARG F 57 -8.95 20.04 13.42
N VAL F 58 -9.40 19.12 12.57
CA VAL F 58 -10.79 19.05 12.11
C VAL F 58 -11.20 17.59 11.91
N VAL F 59 -12.51 17.36 11.92
CA VAL F 59 -13.08 16.11 11.41
C VAL F 59 -14.03 16.39 10.25
N THR F 60 -14.14 15.39 9.39
CA THR F 60 -15.15 15.38 8.35
C THR F 60 -16.44 14.83 8.92
N VAL F 61 -17.51 15.59 8.72
CA VAL F 61 -18.82 15.19 9.24
C VAL F 61 -19.80 14.86 8.11
N ALA F 62 -19.61 15.50 6.95
CA ALA F 62 -20.50 15.29 5.82
C ALA F 62 -19.86 15.54 4.45
N VAL F 63 -20.37 14.83 3.44
CA VAL F 63 -20.11 15.10 2.03
C VAL F 63 -21.47 15.06 1.36
N GLU F 64 -22.02 16.22 1.11
CA GLU F 64 -23.42 16.31 0.73
C GLU F 64 -23.58 16.00 -0.73
N SER F 65 -22.51 16.22 -1.50
CA SER F 65 -22.52 16.00 -2.93
C SER F 65 -21.14 15.59 -3.40
N MET F 66 -21.12 14.71 -4.41
CA MET F 66 -19.92 14.31 -5.13
C MET F 66 -20.40 13.93 -6.54
N ASN F 67 -19.66 14.38 -7.56
CA ASN F 67 -19.96 14.07 -8.95
C ASN F 67 -18.69 13.67 -9.67
N PHE F 68 -18.72 12.50 -10.29
CA PHE F 68 -17.60 11.96 -11.01
C PHE F 68 -17.90 12.21 -12.47
N ILE F 69 -17.14 13.12 -13.08
CA ILE F 69 -17.55 13.70 -14.36
C ILE F 69 -16.87 12.99 -15.53
N LYS F 70 -15.57 12.75 -15.36
CA LYS F 70 -14.69 12.16 -16.33
C LYS F 70 -13.71 11.24 -15.57
N PRO F 71 -13.26 10.15 -16.22
CA PRO F 71 -12.34 9.28 -15.55
C PRO F 71 -10.94 9.88 -15.45
N ILE F 72 -10.20 9.36 -14.49
CA ILE F 72 -8.80 9.67 -14.33
C ILE F 72 -8.00 8.45 -14.85
N SER F 73 -6.86 8.75 -15.48
CA SER F 73 -6.00 7.73 -16.06
C SER F 73 -4.65 7.74 -15.39
N VAL F 74 -4.07 6.56 -15.28
CA VAL F 74 -2.64 6.44 -14.86
C VAL F 74 -1.76 7.42 -15.63
N GLY F 75 -0.87 8.09 -14.91
CA GLY F 75 0.07 9.03 -15.52
C GLY F 75 -0.46 10.46 -15.66
N ASP F 76 -1.75 10.67 -15.46
CA ASP F 76 -2.33 12.03 -15.31
C ASP F 76 -1.83 12.79 -14.09
N VAL F 77 -1.63 14.10 -14.24
CA VAL F 77 -1.38 14.97 -13.08
C VAL F 77 -2.75 15.34 -12.53
N VAL F 78 -2.91 15.19 -11.22
CA VAL F 78 -4.20 15.35 -10.52
C VAL F 78 -4.08 16.47 -9.51
N CYS F 79 -4.91 17.50 -9.65
CA CYS F 79 -4.93 18.65 -8.75
C CYS F 79 -6.31 18.79 -8.14
N CYS F 80 -6.33 19.16 -6.86
CA CYS F 80 -7.58 19.42 -6.13
C CYS F 80 -7.56 20.91 -5.76
N TYR F 81 -8.64 21.61 -6.07
CA TYR F 81 -8.78 23.01 -5.75
C TYR F 81 -9.99 23.15 -4.80
N GLY F 82 -9.91 24.10 -3.88
CA GLY F 82 -10.94 24.25 -2.86
C GLY F 82 -11.39 25.69 -2.76
N GLN F 83 -12.66 25.85 -2.50
CA GLN F 83 -13.24 27.15 -2.30
C GLN F 83 -14.14 27.01 -1.08
N CYS F 84 -13.83 27.79 -0.04
CA CYS F 84 -14.66 27.80 1.16
C CYS F 84 -15.97 28.52 0.85
N LEU F 85 -17.09 27.83 1.09
CA LEU F 85 -18.44 28.35 0.85
C LEU F 85 -19.05 29.03 2.06
N LYS F 86 -18.71 28.56 3.25
CA LYS F 86 -19.34 29.03 4.50
C LYS F 86 -18.47 28.65 5.66
N VAL F 87 -18.31 29.56 6.61
CA VAL F 87 -17.62 29.25 7.84
C VAL F 87 -18.55 29.57 8.98
N GLY F 88 -18.73 28.60 9.89
CA GLY F 88 -19.58 28.78 11.06
C GLY F 88 -18.75 29.01 12.32
N ARG F 89 -19.28 28.59 13.46
CA ARG F 89 -18.58 28.74 14.74
C ARG F 89 -17.48 27.69 14.87
N SER F 90 -17.85 26.44 14.61
CA SER F 90 -16.89 25.33 14.46
C SER F 90 -16.84 24.75 13.03
N SER F 91 -17.85 25.04 12.20
CA SER F 91 -18.03 24.34 10.91
C SER F 91 -17.38 25.04 9.71
N ILE F 92 -16.79 24.26 8.82
CA ILE F 92 -16.19 24.80 7.58
C ILE F 92 -16.71 24.00 6.41
N LYS F 93 -17.31 24.72 5.45
CA LYS F 93 -17.86 24.10 4.24
C LYS F 93 -17.01 24.43 3.02
N ILE F 94 -16.56 23.39 2.31
CA ILE F 94 -15.62 23.56 1.21
C ILE F 94 -16.03 22.82 -0.06
N LYS F 95 -16.19 23.54 -1.17
CA LYS F 95 -16.32 22.90 -2.46
C LYS F 95 -14.92 22.51 -2.98
N VAL F 96 -14.75 21.24 -3.35
CA VAL F 96 -13.54 20.74 -3.94
C VAL F 96 -13.75 20.40 -5.42
N GLU F 97 -12.83 20.82 -6.29
CA GLU F 97 -12.80 20.37 -7.68
C GLU F 97 -11.52 19.64 -7.96
N VAL F 98 -11.64 18.52 -8.68
CA VAL F 98 -10.51 17.75 -9.15
C VAL F 98 -10.30 18.01 -10.64
N TRP F 99 -9.08 18.39 -10.98
CA TRP F 99 -8.69 18.63 -12.33
C TRP F 99 -7.53 17.68 -12.71
N VAL F 100 -7.49 17.32 -13.98
CA VAL F 100 -6.40 16.52 -14.53
C VAL F 100 -5.66 17.36 -15.54
N LYS F 101 -4.34 17.12 -15.67
CA LYS F 101 -3.52 17.68 -16.74
C LYS F 101 -2.79 16.50 -17.42
N LYS F 102 -2.82 16.50 -18.75
CA LYS F 102 -2.15 15.48 -19.55
C LYS F 102 -0.72 15.94 -19.86
N VAL F 103 0.28 15.24 -19.31
CA VAL F 103 1.70 15.66 -19.52
C VAL F 103 2.58 14.66 -20.30
N ALA F 104 2.18 13.39 -20.27
CA ALA F 104 2.86 12.37 -21.08
C ALA F 104 1.84 11.37 -21.64
N SER F 105 0.62 11.85 -21.89
CA SER F 105 -0.41 11.13 -22.68
C SER F 105 -1.09 12.18 -23.55
N GLU F 106 -1.64 11.75 -24.69
CA GLU F 106 -2.34 12.69 -25.56
C GLU F 106 -3.75 12.92 -25.01
N PRO F 107 -4.30 14.11 -25.27
CA PRO F 107 -3.58 15.25 -25.84
C PRO F 107 -2.71 15.94 -24.79
N ILE F 108 -1.41 16.03 -25.04
CA ILE F 108 -0.46 16.63 -24.07
C ILE F 108 -0.80 18.13 -23.89
N GLY F 109 -0.90 18.55 -22.64
CA GLY F 109 -1.28 19.93 -22.33
C GLY F 109 -2.73 20.08 -21.88
N GLU F 110 -3.58 19.14 -22.32
CA GLU F 110 -5.02 19.12 -22.00
C GLU F 110 -5.29 19.10 -20.48
N ARG F 111 -6.13 20.03 -20.02
CA ARG F 111 -6.58 20.09 -18.64
C ARG F 111 -8.10 20.09 -18.63
N TYR F 112 -8.68 19.38 -17.67
CA TYR F 112 -10.11 19.45 -17.49
C TYR F 112 -10.57 18.96 -16.14
N CYS F 113 -11.73 19.42 -15.75
CA CYS F 113 -12.33 19.07 -14.49
C CYS F 113 -12.96 17.66 -14.53
N VAL F 114 -12.54 16.78 -13.62
CA VAL F 114 -12.98 15.38 -13.60
C VAL F 114 -13.93 15.00 -12.46
N THR F 115 -13.96 15.78 -11.38
CA THR F 115 -14.71 15.43 -10.17
C THR F 115 -14.95 16.69 -9.35
N ASP F 116 -16.09 16.75 -8.68
CA ASP F 116 -16.31 17.76 -7.64
C ASP F 116 -17.06 17.18 -6.43
N ALA F 117 -17.04 17.93 -5.32
CA ALA F 117 -17.69 17.53 -4.09
C ALA F 117 -17.82 18.76 -3.21
N VAL F 118 -18.83 18.74 -2.33
CA VAL F 118 -18.92 19.69 -1.22
C VAL F 118 -18.77 18.97 0.15
N PHE F 119 -17.71 19.32 0.86
CA PHE F 119 -17.36 18.75 2.17
C PHE F 119 -17.70 19.70 3.31
N THR F 120 -18.17 19.12 4.40
CA THR F 120 -18.37 19.84 5.62
C THR F 120 -17.42 19.29 6.69
N PHE F 121 -16.74 20.20 7.38
CA PHE F 121 -15.77 19.86 8.40
C PHE F 121 -16.18 20.55 9.69
N VAL F 122 -15.71 19.99 10.82
CA VAL F 122 -15.88 20.62 12.12
C VAL F 122 -14.55 20.76 12.86
N ALA F 123 -14.24 21.96 13.33
CA ALA F 123 -13.04 22.20 14.14
C ALA F 123 -13.12 21.48 15.50
N VAL F 124 -12.13 20.63 15.78
CA VAL F 124 -12.03 19.92 17.06
C VAL F 124 -10.67 20.16 17.72
N ASP F 125 -10.62 20.01 19.05
CA ASP F 125 -9.36 19.90 19.78
C ASP F 125 -8.77 18.48 19.58
N ASN F 126 -7.71 18.13 20.31
CA ASN F 126 -7.00 16.84 20.09
C ASN F 126 -7.64 15.64 20.80
N ASN F 127 -8.63 15.92 21.63
CA ASN F 127 -9.54 14.91 22.14
C ASN F 127 -10.81 14.95 21.30
N GLY F 128 -11.58 16.05 21.42
CA GLY F 128 -12.82 16.21 20.63
C GLY F 128 -13.43 17.60 20.72
C SER F 130 -14.35 21.63 20.27
N ARG F 131 -14.25 22.54 19.31
CA ARG F 131 -13.69 23.88 19.55
C ARG F 131 -14.15 24.92 18.52
N THR F 132 -13.84 26.21 18.79
CA THR F 132 -14.28 27.34 17.96
C THR F 132 -13.12 27.94 17.15
N ILE F 133 -13.42 28.45 15.97
CA ILE F 133 -12.39 29.01 15.11
C ILE F 133 -11.97 30.41 15.63
N PRO F 134 -10.66 30.62 15.79
CA PRO F 134 -10.11 31.95 16.04
C PRO F 134 -10.54 33.03 15.04
N ARG F 135 -10.74 34.25 15.57
CA ARG F 135 -11.13 35.39 14.78
C ARG F 135 -10.24 36.58 15.16
N ASN F 138 -6.38 35.46 12.85
CA ASN F 138 -6.71 34.39 11.90
C ASN F 138 -6.94 34.95 10.49
N GLN F 139 -5.84 35.18 9.78
CA GLN F 139 -5.90 35.73 8.41
C GLN F 139 -6.36 34.73 7.34
N GLU F 140 -6.41 33.45 7.66
CA GLU F 140 -6.99 32.44 6.75
C GLU F 140 -8.49 32.67 6.63
N LEU F 141 -9.13 32.80 7.79
CA LEU F 141 -10.54 33.11 7.89
C LEU F 141 -10.91 34.40 7.15
N GLU F 142 -10.07 35.43 7.29
CA GLU F 142 -10.30 36.73 6.66
C GLU F 142 -10.27 36.64 5.12
N LYS F 143 -9.32 35.87 4.58
CA LYS F 143 -9.26 35.59 3.13
C LYS F 143 -10.49 34.80 2.66
N ALA F 144 -10.92 33.83 3.46
CA ALA F 144 -12.08 32.99 3.12
C ALA F 144 -13.38 33.80 3.18
N LEU F 145 -13.57 34.55 4.27
CA LEU F 145 -14.77 35.39 4.43
C LEU F 145 -14.85 36.47 3.35
N ALA F 146 -13.69 37.04 2.96
CA ALA F 146 -13.62 38.03 1.89
C ALA F 146 -14.18 37.49 0.58
N LEU F 147 -13.66 36.34 0.14
CA LEU F 147 -14.09 35.70 -1.10
C LEU F 147 -15.56 35.34 -1.06
N ILE F 148 -16.04 34.99 0.13
CA ILE F 148 -17.46 34.65 0.31
C ILE F 148 -18.29 35.89 0.12
N SER F 149 -17.88 36.99 0.76
CA SER F 149 -18.56 38.27 0.59
C SER F 149 -18.57 38.71 -0.88
N GLU F 150 -17.52 38.35 -1.61
CA GLU F 150 -17.46 38.55 -3.05
C GLU F 150 -18.39 37.57 -3.80
N GLN F 151 -18.43 36.31 -3.35
CA GLN F 151 -19.52 35.38 -3.67
C GLN F 151 -19.39 34.05 -2.97
#